data_8T78
#
_entry.id   8T78
#
_cell.length_a   1.00
_cell.length_b   1.00
_cell.length_c   1.00
_cell.angle_alpha   90.00
_cell.angle_beta   90.00
_cell.angle_gamma   90.00
#
_symmetry.space_group_name_H-M   'P 1'
#
loop_
_entity.id
_entity.type
_entity.pdbx_description
1 polymer 'CRISPR-associated endonuclease Cas9/Csn1'
2 polymer gRNA
3 polymer TS
4 polymer NTS
#
loop_
_entity_poly.entity_id
_entity_poly.type
_entity_poly.pdbx_seq_one_letter_code
_entity_poly.pdbx_strand_id
1 'polypeptide(L)'
;EDKKYSIGLDIGTNSVGWAVITDEYKVPSKKFKVLGNTDRHSIKKNLIGALLFDSGETAERTRLKRTARRRYTRRKNRIC
YLQEIFSNEMAKVDDSFFHRLEESFLVEEDKKHERHPIFGNIVDEVAYHEKYPTIYHLRKKLVDSTDKADLRLIYLALAH
MIKFRGHFLIEGDLNPDNSDVDKLFIQLVQTYNQLFEENPINASGVDAKAILSARLSKSRRLENLIAQLPGEKKNGLFGN
LIALSLGLTPNFKSNFDLAEDAKLQLSKDTYDDDLDNLLAQIGDQYADLFLAAKNLSDAILLSDILRVNTEITKAPLSAS
MIKRYDEHHQDLTLLKALVRQQLPEKYKEIFFDQSKNGYAGYIDGGASQEEFYKFIKPILEKMDGTEELLVKLNREDLLR
KQRTFDNGSIPHQIHLGELHAILRRQEDFYPFLKDNREKIEKILTFRIPYYVGPLARGNSRFAWMTRKSEETITPWNFEE
VVDKGASAQSFIERMTNFDKNLPNEKVLPKHSLLYEYFTVYNELTKVKYVTEGMRKPAFLSGEQKKAIVDLLFKTNRKVT
VKQLKEDYFKKIECFDSVEISGVEDRFNASLGTYHDLLKIIKDKDFLDNEENEDILEDIVLTLTLFEDREMIEERLKTYA
HLFDDKVMKQLKRRRYTGWGRLSRKLINGIRDKQSGKTILDFLKSDGFANRNFMQLIHDDSLTFKEDIQKAQVSGQGDSL
HEHIANLAGSPAIKKGILQTVKVVDELVKVMGRHKPENIVIEMARENQTTQKGQKNSRERMKRIEEGIKELGSQILKEHP
VENTQLQNEKLYLYYLQNGRDMYVDQELDINRLSDYDVDHIVPQSFLKDDSIDNKVLTRSDKNRGKSDNVPSEEVVKKMK
NYWRQLLNAKLITQRKFDNLTKAERGGLSELDKAGFIKRQLVETRQITKHVAQILDSRMNTKYDENDKLIREVKVITLKS
KLVSDFRKDFQFYKVREINNYHHAHDAYLNAVVGTALIKKYPKLESEFVYGDYKVYDVRKMIAKSEQEIGKATAKYFFYS
NIMNFFKTEITLANGEIRKRPLIETNGETGEIVWDKGRDFATVRKVLSMPQVNIVKKTEVQTGGFSKESIRPKRNSDKLI
ARKKDWDPKKYGGFLWPTVAYSVLVVAKVEKGKSKKLKSVKELLGITIMERSSFEKNPIDFLEAKGYKEVKKDLIIKLPK
YSLFELENGRKRMLASAKQLQKGNELALPSKYVNFLYLASHYEKLKGSPEDNEQKQLFVEQHKHYLDEIIEQISEFSKRV
ILADANLDKVLSAYNKHRDKPIREQAENIIHLFTLTRLGAPRAFKYFDTTIDPKQYRSTKEVLDATLIHQSITGLYETRI
DLSQLGGDG
;
A
2 'polyribonucleotide'
;UAGAAAGACGCGUUUUAGAGCUAGAAAUAGCAAGUUAAAAUAAGGCUAGUCCGUUAUCAACUUGAAAAAGUGGCACCGAG
UCGGUGCUU
;
B
3 'polydeoxyribonucleotide' (DT)(DT)(DG)(DT)(DA)(DC)(DT)(DG)(DT)(DA)(DG)(DC)(DG)(DT)(DC)(DT)(DC)(DA) C
4 'polydeoxyribonucleotide' (DA)(DC)(DA)(DG)(DT)(DA)(DC)(DA)(DA) D
#
# COMPACT_ATOMS: atom_id res chain seq x y z
N LYS A 3 18.63 7.74 -43.98
CA LYS A 3 18.69 9.10 -43.46
C LYS A 3 17.41 9.43 -42.70
N LYS A 4 16.37 8.65 -42.97
CA LYS A 4 15.07 8.84 -42.36
C LYS A 4 14.72 7.63 -41.52
N TYR A 5 14.23 7.87 -40.31
CA TYR A 5 13.83 6.78 -39.46
C TYR A 5 12.62 7.25 -38.67
N SER A 6 11.81 6.28 -38.26
CA SER A 6 10.63 6.53 -37.47
C SER A 6 10.65 5.65 -36.24
N ILE A 7 9.93 6.06 -35.20
CA ILE A 7 9.93 5.36 -33.93
C ILE A 7 8.49 4.96 -33.60
N GLY A 8 8.29 3.68 -33.29
CA GLY A 8 7.02 3.19 -32.81
C GLY A 8 7.09 2.95 -31.31
N LEU A 9 6.08 3.45 -30.60
CA LEU A 9 6.02 3.36 -29.15
C LEU A 9 4.67 2.80 -28.73
N ASP A 10 4.71 1.82 -27.84
CA ASP A 10 3.53 1.29 -27.17
C ASP A 10 3.61 1.64 -25.68
N ILE A 11 2.56 2.27 -25.16
CA ILE A 11 2.58 2.82 -23.80
C ILE A 11 1.66 1.99 -22.92
N GLY A 12 2.19 1.50 -21.79
CA GLY A 12 1.40 0.71 -20.87
C GLY A 12 1.82 0.99 -19.45
N THR A 13 1.20 0.27 -18.52
CA THR A 13 1.51 0.45 -17.11
C THR A 13 2.86 -0.15 -16.76
N ASN A 14 3.26 -1.22 -17.43
CA ASN A 14 4.48 -1.93 -17.12
C ASN A 14 5.50 -1.97 -18.25
N SER A 15 5.09 -1.75 -19.49
CA SER A 15 5.97 -1.94 -20.63
C SER A 15 5.95 -0.74 -21.55
N VAL A 16 7.10 -0.43 -22.13
CA VAL A 16 7.25 0.56 -23.18
C VAL A 16 7.97 -0.11 -24.34
N GLY A 17 7.25 -0.46 -25.39
CA GLY A 17 7.85 -1.08 -26.55
C GLY A 17 8.37 0.00 -27.49
N TRP A 18 9.55 -0.25 -28.05
CA TRP A 18 10.23 0.72 -28.89
C TRP A 18 10.74 0.04 -30.16
N ALA A 19 10.87 0.83 -31.22
CA ALA A 19 11.34 0.31 -32.50
C ALA A 19 11.89 1.47 -33.33
N VAL A 20 12.71 1.14 -34.31
CA VAL A 20 13.27 2.11 -35.26
C VAL A 20 13.00 1.60 -36.66
N ILE A 21 12.23 2.35 -37.43
CA ILE A 21 11.65 1.91 -38.69
C ILE A 21 12.13 2.86 -39.78
N THR A 22 12.61 2.30 -40.88
CA THR A 22 13.00 3.05 -42.07
C THR A 22 11.88 2.99 -43.09
N ASP A 23 12.13 3.51 -44.30
CA ASP A 23 11.04 3.74 -45.22
C ASP A 23 10.51 2.46 -45.86
N GLU A 24 11.34 1.41 -46.00
CA GLU A 24 10.82 0.10 -46.41
C GLU A 24 10.38 -0.76 -45.23
N TYR A 25 10.00 -0.13 -44.11
CA TYR A 25 9.66 -0.77 -42.84
C TYR A 25 10.77 -1.67 -42.31
N LYS A 26 12.01 -1.48 -42.76
CA LYS A 26 13.11 -2.27 -42.24
C LYS A 26 13.48 -1.80 -40.84
N VAL A 27 13.79 -2.73 -39.96
CA VAL A 27 14.45 -2.43 -38.70
C VAL A 27 15.96 -2.54 -38.94
N PRO A 28 16.71 -1.44 -38.82
CA PRO A 28 18.16 -1.52 -39.01
C PRO A 28 18.82 -2.38 -37.95
N SER A 29 19.93 -2.99 -38.35
CA SER A 29 20.75 -3.80 -37.46
C SER A 29 22.13 -3.19 -37.44
N LYS A 30 22.56 -2.71 -36.28
CA LYS A 30 23.77 -1.90 -36.17
C LYS A 30 24.68 -2.51 -35.14
N LYS A 31 25.98 -2.28 -35.32
CA LYS A 31 27.01 -2.85 -34.46
C LYS A 31 27.37 -1.84 -33.39
N PHE A 32 27.30 -2.27 -32.13
CA PHE A 32 27.46 -1.37 -31.00
C PHE A 32 28.72 -1.72 -30.24
N LYS A 33 29.50 -0.69 -29.94
CA LYS A 33 30.61 -0.81 -28.99
C LYS A 33 30.08 -1.27 -27.64
N VAL A 34 30.68 -2.32 -27.10
CA VAL A 34 30.41 -2.75 -25.74
C VAL A 34 31.64 -2.47 -24.91
N LEU A 35 31.43 -1.93 -23.72
CA LEU A 35 32.51 -1.58 -22.83
C LEU A 35 32.69 -2.65 -21.77
N GLY A 36 33.72 -2.50 -20.97
CA GLY A 36 34.03 -3.44 -19.91
C GLY A 36 35.29 -4.24 -20.20
N ASN A 37 35.61 -5.11 -19.25
CA ASN A 37 36.85 -5.87 -19.26
C ASN A 37 36.76 -7.18 -20.04
N THR A 38 35.60 -7.50 -20.60
CA THR A 38 35.42 -8.78 -21.28
C THR A 38 36.15 -8.81 -22.63
N ASP A 39 36.11 -9.99 -23.27
CA ASP A 39 36.79 -10.17 -24.55
C ASP A 39 36.15 -9.36 -25.66
N ARG A 40 34.82 -9.29 -25.67
CA ARG A 40 34.12 -8.58 -26.74
C ARG A 40 34.34 -7.09 -26.64
N HIS A 41 34.43 -6.44 -27.80
CA HIS A 41 34.33 -4.99 -27.87
C HIS A 41 33.31 -4.54 -28.91
N SER A 42 32.55 -5.47 -29.47
CA SER A 42 31.49 -5.12 -30.42
C SER A 42 30.43 -6.19 -30.40
N ILE A 43 29.18 -5.78 -30.30
CA ILE A 43 28.03 -6.68 -30.40
C ILE A 43 27.15 -6.16 -31.52
N LYS A 44 26.38 -7.05 -32.12
CA LYS A 44 25.43 -6.68 -33.16
C LYS A 44 24.03 -6.89 -32.60
N LYS A 45 23.23 -5.83 -32.59
CA LYS A 45 21.87 -5.91 -32.09
C LYS A 45 20.93 -5.07 -32.94
N ASN A 46 19.68 -5.52 -32.98
CA ASN A 46 18.65 -4.93 -33.83
C ASN A 46 18.01 -3.73 -33.14
N LEU A 47 17.56 -2.77 -33.94
CA LEU A 47 16.90 -1.58 -33.38
C LEU A 47 15.41 -1.82 -33.17
N ILE A 48 15.11 -2.79 -32.31
CA ILE A 48 13.75 -3.03 -31.86
C ILE A 48 13.85 -3.61 -30.46
N GLY A 49 12.92 -3.26 -29.60
CA GLY A 49 13.04 -3.75 -28.25
C GLY A 49 11.87 -3.35 -27.39
N ALA A 50 11.94 -3.78 -26.14
CA ALA A 50 10.90 -3.51 -25.16
C ALA A 50 11.56 -3.21 -23.82
N LEU A 51 10.97 -2.27 -23.09
CA LEU A 51 11.38 -1.97 -21.72
C LEU A 51 10.36 -2.57 -20.77
N LEU A 52 10.82 -3.28 -19.76
CA LEU A 52 9.94 -3.86 -18.75
C LEU A 52 10.28 -3.29 -17.38
N PHE A 53 9.26 -2.88 -16.65
CA PHE A 53 9.46 -2.35 -15.31
C PHE A 53 8.25 -2.66 -14.45
N ASP A 54 8.45 -2.58 -13.13
CA ASP A 54 7.35 -2.76 -12.20
C ASP A 54 6.37 -1.60 -12.29
N SER A 55 5.10 -1.89 -12.04
CA SER A 55 4.07 -0.85 -12.04
C SER A 55 4.34 0.17 -10.93
N GLY A 56 4.05 1.43 -11.21
CA GLY A 56 4.20 2.46 -10.21
C GLY A 56 3.13 2.37 -9.14
N GLU A 57 3.43 2.93 -7.98
CA GLU A 57 2.56 2.84 -6.82
C GLU A 57 1.85 4.15 -6.58
N THR A 58 0.56 4.06 -6.29
CA THR A 58 -0.21 5.21 -5.84
C THR A 58 0.18 5.56 -4.39
N ALA A 59 -0.02 6.82 -4.02
CA ALA A 59 0.39 7.34 -2.73
C ALA A 59 -0.62 7.09 -1.61
N GLU A 60 -1.67 6.30 -1.86
CA GLU A 60 -2.71 6.07 -0.85
C GLU A 60 -2.17 5.34 0.38
N ARG A 61 -1.34 4.33 0.17
CA ARG A 61 -0.77 3.58 1.29
C ARG A 61 0.13 4.45 2.15
N THR A 62 0.97 5.26 1.51
CA THR A 62 1.82 6.19 2.24
C THR A 62 0.99 7.21 3.01
N ARG A 63 -0.13 7.66 2.44
CA ARG A 63 -1.00 8.61 3.13
C ARG A 63 -1.61 8.00 4.39
N LEU A 64 -2.10 6.76 4.30
CA LEU A 64 -2.66 6.11 5.48
C LEU A 64 -1.60 5.87 6.54
N LYS A 65 -0.40 5.45 6.13
CA LYS A 65 0.65 5.22 7.10
C LYS A 65 1.09 6.52 7.78
N ARG A 66 1.17 7.61 7.02
CA ARG A 66 1.51 8.91 7.61
C ARG A 66 0.42 9.38 8.57
N THR A 67 -0.85 9.20 8.21
CA THR A 67 -1.94 9.61 9.08
C THR A 67 -1.95 8.79 10.37
N ALA A 68 -1.67 7.49 10.28
CA ALA A 68 -1.57 6.66 11.47
C ALA A 68 -0.40 7.09 12.35
N ARG A 69 0.72 7.46 11.74
CA ARG A 69 1.86 7.97 12.49
C ARG A 69 1.49 9.22 13.27
N ARG A 70 0.78 10.14 12.62
CA ARG A 70 0.34 11.35 13.31
C ARG A 70 -0.65 11.04 14.43
N ARG A 71 -1.53 10.05 14.20
CA ARG A 71 -2.49 9.65 15.23
C ARG A 71 -1.80 9.14 16.48
N TYR A 72 -0.84 8.23 16.33
CA TYR A 72 -0.13 7.73 17.50
C TYR A 72 0.69 8.83 18.17
N THR A 73 1.27 9.74 17.39
CA THR A 73 2.03 10.83 17.98
C THR A 73 1.16 11.72 18.83
N ARG A 74 -0.02 12.09 18.33
CA ARG A 74 -0.89 12.95 19.11
C ARG A 74 -1.54 12.24 20.29
N ARG A 75 -1.81 10.93 20.18
CA ARG A 75 -2.34 10.20 21.33
C ARG A 75 -1.31 10.12 22.47
N LYS A 76 -0.05 9.83 22.12
CA LYS A 76 1.00 9.82 23.12
C LYS A 76 1.19 11.20 23.71
N ASN A 77 0.99 12.25 22.91
CA ASN A 77 1.04 13.60 23.44
C ASN A 77 -0.10 13.89 24.42
N ARG A 78 -1.29 13.37 24.15
CA ARG A 78 -2.41 13.52 25.09
C ARG A 78 -2.08 12.92 26.44
N ILE A 79 -1.57 11.70 26.42
CA ILE A 79 -1.19 11.05 27.68
C ILE A 79 -0.06 11.81 28.35
N CYS A 80 0.87 12.35 27.57
CA CYS A 80 1.95 13.13 28.14
C CYS A 80 1.44 14.40 28.80
N TYR A 81 0.44 15.05 28.21
CA TYR A 81 -0.19 16.21 28.83
C TYR A 81 -0.81 15.83 30.17
N LEU A 82 -1.53 14.70 30.18
CA LEU A 82 -2.23 14.27 31.39
C LEU A 82 -1.25 13.93 32.50
N GLN A 83 -0.16 13.25 32.15
CA GLN A 83 0.91 12.96 33.10
C GLN A 83 1.59 14.23 33.57
N GLU A 84 1.75 15.21 32.68
CA GLU A 84 2.34 16.49 33.08
C GLU A 84 1.48 17.18 34.12
N ILE A 85 0.16 17.08 33.98
CA ILE A 85 -0.74 17.63 34.99
C ILE A 85 -0.61 16.86 36.30
N PHE A 86 -0.74 15.53 36.25
CA PHE A 86 -0.69 14.72 37.47
C PHE A 86 0.67 14.58 38.12
N SER A 87 1.76 15.02 37.47
CA SER A 87 3.10 14.72 37.96
C SER A 87 3.38 15.36 39.31
N ASN A 88 2.95 16.61 39.50
CA ASN A 88 3.27 17.35 40.72
C ASN A 88 2.68 16.68 41.95
N GLU A 89 1.43 16.23 41.86
CA GLU A 89 0.79 15.58 42.99
C GLU A 89 1.20 14.12 43.10
N MET A 90 1.40 13.44 41.97
CA MET A 90 1.70 12.01 42.01
C MET A 90 3.14 11.72 42.42
N ALA A 91 4.04 12.69 42.28
CA ALA A 91 5.40 12.53 42.81
C ALA A 91 5.42 12.45 44.32
N LYS A 92 4.37 12.94 44.99
CA LYS A 92 4.30 12.87 46.45
C LYS A 92 4.05 11.44 46.93
N VAL A 93 3.27 10.66 46.19
CA VAL A 93 2.94 9.31 46.64
C VAL A 93 3.82 8.25 45.97
N ASP A 94 3.85 8.19 44.64
CA ASP A 94 4.69 7.25 43.89
C ASP A 94 5.38 8.04 42.79
N ASP A 95 6.64 8.41 43.01
CA ASP A 95 7.38 9.09 41.96
C ASP A 95 7.68 8.16 40.79
N SER A 96 7.78 6.86 41.06
CA SER A 96 8.13 5.88 40.06
C SER A 96 6.91 5.29 39.34
N PHE A 97 5.71 5.82 39.59
CA PHE A 97 4.50 5.28 38.99
C PHE A 97 4.50 5.41 37.47
N PHE A 98 4.79 6.61 36.97
CA PHE A 98 4.89 6.81 35.53
C PHE A 98 6.07 6.06 34.95
N HIS A 99 7.15 5.92 35.73
CA HIS A 99 8.28 5.11 35.29
C HIS A 99 7.90 3.66 35.10
N ARG A 100 7.15 3.10 36.06
CA ARG A 100 6.70 1.72 35.90
C ARG A 100 5.72 1.58 34.76
N LEU A 101 4.88 2.59 34.52
CA LEU A 101 3.96 2.51 33.39
C LEU A 101 4.72 2.49 32.07
N GLU A 102 5.77 3.30 31.94
CA GLU A 102 6.53 3.28 30.69
C GLU A 102 7.44 2.06 30.57
N GLU A 103 7.84 1.45 31.69
CA GLU A 103 8.68 0.26 31.64
C GLU A 103 7.91 -1.04 31.74
N SER A 104 6.57 -0.99 31.72
CA SER A 104 5.78 -2.21 31.77
C SER A 104 6.10 -3.19 30.65
N PHE A 105 6.56 -2.69 29.49
CA PHE A 105 6.92 -3.59 28.40
C PHE A 105 8.15 -4.44 28.71
N LEU A 106 9.10 -3.92 29.46
CA LEU A 106 10.38 -4.61 29.62
C LEU A 106 10.23 -5.87 30.45
N VAL A 107 11.17 -6.80 30.26
CA VAL A 107 11.22 -8.02 31.05
C VAL A 107 11.70 -7.67 32.46
N GLU A 108 11.59 -8.64 33.38
CA GLU A 108 11.80 -8.38 34.80
C GLU A 108 13.21 -7.89 35.10
N GLU A 109 14.22 -8.45 34.44
CA GLU A 109 15.58 -7.99 34.67
C GLU A 109 15.83 -6.62 34.03
N ASP A 110 15.13 -6.29 32.96
CA ASP A 110 15.33 -5.01 32.29
C ASP A 110 14.63 -3.85 32.99
N LYS A 111 13.57 -4.11 33.75
CA LYS A 111 12.89 -3.05 34.48
C LYS A 111 13.76 -2.46 35.58
N LYS A 112 13.73 -1.13 35.69
CA LYS A 112 14.45 -0.42 36.74
C LYS A 112 13.69 -0.35 38.05
N HIS A 113 12.43 -0.80 38.09
CA HIS A 113 11.65 -0.87 39.33
C HIS A 113 10.93 -2.20 39.43
N GLU A 114 9.99 -2.31 40.37
CA GLU A 114 9.27 -3.56 40.56
C GLU A 114 8.38 -3.86 39.36
N ARG A 115 8.19 -5.15 39.10
CA ARG A 115 7.49 -5.62 37.92
C ARG A 115 5.99 -5.40 37.97
N HIS A 116 5.44 -5.02 39.12
CA HIS A 116 4.01 -4.74 39.22
C HIS A 116 3.81 -3.25 38.99
N PRO A 117 3.15 -2.83 37.91
CA PRO A 117 3.17 -1.40 37.59
C PRO A 117 2.31 -0.53 38.49
N ILE A 118 1.12 -0.99 38.86
CA ILE A 118 0.16 -0.09 39.48
C ILE A 118 0.49 0.16 40.94
N PHE A 119 0.94 -0.86 41.67
CA PHE A 119 1.25 -0.70 43.09
C PHE A 119 2.67 -1.03 43.48
N GLY A 120 3.43 -1.74 42.64
CA GLY A 120 4.80 -2.04 42.99
C GLY A 120 4.99 -3.14 44.01
N ASN A 121 3.95 -3.92 44.30
CA ASN A 121 4.07 -5.04 45.22
C ASN A 121 2.97 -6.03 44.90
N ILE A 122 3.22 -7.29 45.23
CA ILE A 122 2.41 -8.40 44.70
C ILE A 122 1.01 -8.41 45.31
N VAL A 123 0.91 -8.23 46.63
CA VAL A 123 -0.37 -8.45 47.30
C VAL A 123 -1.36 -7.35 46.94
N ASP A 124 -0.90 -6.10 46.84
CA ASP A 124 -1.77 -5.00 46.47
C ASP A 124 -2.24 -5.14 45.03
N GLU A 125 -1.36 -5.56 44.13
CA GLU A 125 -1.75 -5.74 42.73
C GLU A 125 -2.76 -6.87 42.57
N VAL A 126 -2.55 -7.98 43.27
CA VAL A 126 -3.51 -9.09 43.23
C VAL A 126 -4.85 -8.67 43.80
N ALA A 127 -4.82 -7.90 44.90
CA ALA A 127 -6.06 -7.41 45.48
C ALA A 127 -6.79 -6.45 44.56
N TYR A 128 -6.05 -5.59 43.85
CA TYR A 128 -6.69 -4.67 42.91
C TYR A 128 -7.35 -5.43 41.77
N HIS A 129 -6.65 -6.42 41.20
CA HIS A 129 -7.24 -7.18 40.10
C HIS A 129 -8.42 -8.00 40.56
N GLU A 130 -8.41 -8.49 41.80
CA GLU A 130 -9.56 -9.22 42.32
C GLU A 130 -10.73 -8.28 42.55
N LYS A 131 -10.48 -7.08 43.07
CA LYS A 131 -11.55 -6.13 43.33
C LYS A 131 -12.13 -5.59 42.03
N TYR A 132 -11.28 -5.21 41.08
CA TYR A 132 -11.72 -4.71 39.78
C TYR A 132 -11.21 -5.65 38.71
N PRO A 133 -12.02 -6.60 38.23
CA PRO A 133 -11.55 -7.52 37.19
C PRO A 133 -11.14 -6.83 35.90
N THR A 134 -11.83 -5.77 35.51
CA THR A 134 -11.47 -4.98 34.35
C THR A 134 -11.25 -3.53 34.79
N ILE A 135 -10.86 -2.68 33.85
CA ILE A 135 -10.79 -1.26 34.13
C ILE A 135 -12.19 -0.66 34.19
N TYR A 136 -13.16 -1.33 33.58
CA TYR A 136 -14.53 -0.79 33.54
C TYR A 136 -15.19 -0.90 34.91
N HIS A 137 -14.85 -1.92 35.69
CA HIS A 137 -15.28 -1.97 37.08
C HIS A 137 -14.75 -0.77 37.86
N LEU A 138 -13.48 -0.42 37.63
CA LEU A 138 -12.90 0.74 38.30
C LEU A 138 -13.59 2.03 37.86
N ARG A 139 -13.89 2.15 36.57
CA ARG A 139 -14.55 3.35 36.07
C ARG A 139 -15.94 3.51 36.68
N LYS A 140 -16.71 2.42 36.75
CA LYS A 140 -18.02 2.49 37.38
C LYS A 140 -17.91 2.78 38.86
N LYS A 141 -16.92 2.22 39.55
CA LYS A 141 -16.77 2.49 40.97
C LYS A 141 -16.41 3.95 41.22
N LEU A 142 -15.55 4.52 40.39
CA LEU A 142 -15.20 5.93 40.57
C LEU A 142 -16.35 6.86 40.23
N VAL A 143 -17.19 6.49 39.26
CA VAL A 143 -18.35 7.32 38.98
C VAL A 143 -19.38 7.23 40.11
N ASP A 144 -19.66 6.02 40.58
CA ASP A 144 -20.78 5.83 41.50
C ASP A 144 -20.43 6.23 42.93
N SER A 145 -19.31 5.75 43.46
CA SER A 145 -19.01 5.95 44.86
C SER A 145 -18.51 7.37 45.11
N THR A 146 -18.90 7.94 46.25
CA THR A 146 -18.45 9.26 46.66
C THR A 146 -17.24 9.22 47.59
N ASP A 147 -16.67 8.05 47.83
CA ASP A 147 -15.55 7.92 48.74
C ASP A 147 -14.26 8.37 48.05
N LYS A 148 -13.29 8.77 48.86
CA LYS A 148 -12.00 9.21 48.34
C LYS A 148 -11.28 8.03 47.70
N ALA A 149 -10.61 8.30 46.58
CA ALA A 149 -9.93 7.27 45.82
C ALA A 149 -8.45 7.62 45.71
N ASP A 150 -7.63 6.58 45.52
CA ASP A 150 -6.21 6.80 45.33
C ASP A 150 -6.00 7.42 43.95
N LEU A 151 -5.01 8.30 43.85
CA LEU A 151 -4.75 9.01 42.60
C LEU A 151 -4.27 8.09 41.50
N ARG A 152 -3.66 6.96 41.84
CA ARG A 152 -3.27 5.99 40.83
C ARG A 152 -4.49 5.44 40.11
N LEU A 153 -5.55 5.13 40.85
CA LEU A 153 -6.76 4.59 40.24
C LEU A 153 -7.47 5.63 39.39
N ILE A 154 -7.52 6.88 39.87
CA ILE A 154 -8.14 7.95 39.08
C ILE A 154 -7.36 8.19 37.80
N TYR A 155 -6.02 8.17 37.89
CA TYR A 155 -5.24 8.36 36.67
C TYR A 155 -5.42 7.20 35.72
N LEU A 156 -5.54 5.98 36.25
CA LEU A 156 -5.81 4.83 35.38
C LEU A 156 -7.12 4.99 34.64
N ALA A 157 -8.19 5.41 35.35
CA ALA A 157 -9.47 5.60 34.69
C ALA A 157 -9.43 6.73 33.67
N LEU A 158 -8.78 7.85 34.01
CA LEU A 158 -8.73 9.00 33.10
C LEU A 158 -7.87 8.70 31.89
N ALA A 159 -6.75 8.01 32.09
CA ALA A 159 -5.87 7.66 30.98
C ALA A 159 -6.54 6.65 30.08
N HIS A 160 -7.32 5.72 30.64
CA HIS A 160 -8.08 4.84 29.77
C HIS A 160 -9.19 5.60 29.04
N MET A 161 -9.70 6.67 29.65
CA MET A 161 -10.72 7.48 29.00
C MET A 161 -10.14 8.21 27.79
N ILE A 162 -9.00 8.87 27.95
CA ILE A 162 -8.49 9.74 26.89
C ILE A 162 -7.51 9.04 25.96
N LYS A 163 -6.96 7.89 26.34
CA LYS A 163 -6.23 7.07 25.37
C LYS A 163 -7.17 6.53 24.30
N PHE A 164 -8.35 6.06 24.71
CA PHE A 164 -9.39 5.58 23.79
C PHE A 164 -10.64 6.40 24.05
N ARG A 165 -10.76 7.52 23.36
CA ARG A 165 -11.84 8.45 23.64
C ARG A 165 -13.09 8.29 22.79
N GLY A 166 -13.09 7.46 21.76
CA GLY A 166 -14.28 7.30 20.94
C GLY A 166 -14.42 8.35 19.85
N HIS A 167 -15.42 8.16 19.01
CA HIS A 167 -15.55 8.93 17.77
C HIS A 167 -16.13 10.32 18.01
N PHE A 168 -15.95 11.17 17.00
CA PHE A 168 -16.41 12.55 16.99
C PHE A 168 -17.47 12.81 15.92
N LEU A 169 -18.28 11.81 15.57
CA LEU A 169 -19.32 12.04 14.57
C LEU A 169 -20.53 12.79 15.10
N ILE A 170 -20.63 13.04 16.40
CA ILE A 170 -21.74 13.79 16.99
C ILE A 170 -21.23 15.18 17.33
N GLU A 171 -22.01 16.21 16.99
CA GLU A 171 -21.62 17.59 17.22
C GLU A 171 -22.34 18.27 18.38
N GLY A 172 -23.42 17.68 18.91
CA GLY A 172 -24.14 18.33 19.99
C GLY A 172 -23.54 18.08 21.35
N ASP A 173 -24.36 17.77 22.36
CA ASP A 173 -23.86 17.52 23.71
C ASP A 173 -24.04 16.07 24.14
N LEU A 174 -25.21 15.49 23.90
CA LEU A 174 -25.49 14.06 24.06
C LEU A 174 -25.12 13.52 25.45
N ASN A 175 -25.68 14.14 26.47
CA ASN A 175 -25.34 13.73 27.83
C ASN A 175 -25.92 12.34 28.11
N PRO A 176 -25.15 11.42 28.70
CA PRO A 176 -25.57 10.02 28.73
C PRO A 176 -26.74 9.73 29.67
N ASP A 177 -27.01 10.60 30.63
CA ASP A 177 -28.08 10.38 31.60
C ASP A 177 -29.41 10.96 31.13
N ASN A 178 -29.48 11.50 29.92
CA ASN A 178 -30.69 12.18 29.45
C ASN A 178 -31.83 11.19 29.23
N SER A 179 -31.52 9.99 28.75
CA SER A 179 -32.51 8.98 28.37
C SER A 179 -31.78 7.69 28.07
N ASP A 180 -32.54 6.69 27.64
CA ASP A 180 -32.01 5.37 27.32
C ASP A 180 -31.39 5.29 25.92
N ASP A 288 -42.48 22.95 22.70
CA ASP A 288 -41.42 22.14 23.26
C ASP A 288 -41.29 20.83 22.51
N LEU A 289 -41.90 20.76 21.33
CA LEU A 289 -41.74 19.60 20.47
C LEU A 289 -40.30 19.46 19.97
N PHE A 290 -39.61 20.59 19.79
CA PHE A 290 -38.22 20.55 19.33
C PHE A 290 -37.31 19.87 20.35
N LEU A 291 -37.46 20.23 21.63
CA LEU A 291 -36.58 19.67 22.66
C LEU A 291 -36.92 18.22 22.94
N ALA A 292 -38.20 17.88 22.95
CA ALA A 292 -38.62 16.49 23.12
C ALA A 292 -38.14 15.62 21.96
N ALA A 293 -38.23 16.14 20.73
CA ALA A 293 -37.74 15.41 19.57
C ALA A 293 -36.24 15.23 19.62
N LYS A 294 -35.51 16.25 20.06
CA LYS A 294 -34.06 16.15 20.20
C LYS A 294 -33.67 15.11 21.24
N ASN A 295 -34.34 15.13 22.39
CA ASN A 295 -34.03 14.17 23.44
C ASN A 295 -34.42 12.75 23.04
N LEU A 296 -35.51 12.59 22.27
CA LEU A 296 -35.85 11.27 21.78
C LEU A 296 -34.88 10.79 20.70
N SER A 297 -34.30 11.72 19.93
CA SER A 297 -33.23 11.34 19.02
C SER A 297 -32.01 10.86 19.78
N ASP A 298 -31.64 11.56 20.85
CA ASP A 298 -30.61 11.06 21.78
C ASP A 298 -30.95 9.68 22.32
N ALA A 299 -32.23 9.44 22.62
CA ALA A 299 -32.65 8.13 23.10
C ALA A 299 -32.45 7.04 22.04
N ILE A 300 -32.79 7.33 20.79
CA ILE A 300 -32.64 6.30 19.76
C ILE A 300 -31.17 6.02 19.48
N LEU A 301 -30.31 7.05 19.48
CA LEU A 301 -28.88 6.76 19.30
C LEU A 301 -28.30 6.00 20.48
N LEU A 302 -28.68 6.35 21.71
CA LEU A 302 -28.16 5.62 22.87
C LEU A 302 -28.67 4.18 22.91
N SER A 303 -29.87 3.92 22.39
CA SER A 303 -30.30 2.53 22.28
C SER A 303 -29.56 1.79 21.18
N ASP A 304 -29.12 2.49 20.12
CA ASP A 304 -28.18 1.85 19.19
C ASP A 304 -26.83 1.56 19.84
N ILE A 305 -26.38 2.43 20.75
CA ILE A 305 -25.09 2.23 21.40
C ILE A 305 -25.21 1.29 22.59
N LEU A 306 -26.01 1.66 23.58
CA LEU A 306 -26.09 0.98 24.86
C LEU A 306 -27.35 0.12 24.94
N ARG A 307 -27.21 -1.08 25.47
CA ARG A 307 -28.33 -2.01 25.52
C ARG A 307 -29.38 -1.64 26.57
N VAL A 308 -29.03 -1.76 27.86
CA VAL A 308 -29.97 -1.56 28.97
C VAL A 308 -29.19 -0.96 30.13
N ASN A 309 -29.82 -0.03 30.84
CA ASN A 309 -29.40 0.33 32.19
C ASN A 309 -30.63 0.33 33.10
N THR A 310 -30.67 -0.66 34.01
CA THR A 310 -31.84 -0.82 34.88
C THR A 310 -31.79 0.08 36.10
N GLU A 311 -30.63 0.20 36.73
CA GLU A 311 -30.44 1.05 37.90
C GLU A 311 -29.63 2.24 37.42
N ILE A 312 -30.14 3.44 37.70
CA ILE A 312 -29.63 4.64 37.05
C ILE A 312 -28.23 4.97 37.55
N THR A 313 -27.35 5.32 36.61
CA THR A 313 -26.00 5.74 36.95
C THR A 313 -25.49 6.66 35.85
N LYS A 314 -24.53 7.51 36.23
CA LYS A 314 -23.87 8.39 35.27
C LYS A 314 -22.85 7.66 34.39
N ALA A 315 -22.58 6.37 34.64
CA ALA A 315 -21.63 5.58 33.87
C ALA A 315 -22.31 4.39 33.18
N PRO A 316 -23.17 4.64 32.19
CA PRO A 316 -23.90 3.53 31.57
C PRO A 316 -23.04 2.60 30.72
N LEU A 317 -21.94 3.09 30.17
CA LEU A 317 -21.06 2.22 29.39
C LEU A 317 -20.38 1.18 30.27
N SER A 318 -19.83 1.62 31.40
CA SER A 318 -19.21 0.69 32.33
C SER A 318 -20.24 -0.28 32.90
N ALA A 319 -21.47 0.19 33.12
CA ALA A 319 -22.52 -0.70 33.60
C ALA A 319 -22.85 -1.79 32.58
N SER A 320 -23.00 -1.40 31.31
CA SER A 320 -23.33 -2.39 30.28
C SER A 320 -22.20 -3.38 30.07
N MET A 321 -20.95 -2.92 30.11
CA MET A 321 -19.85 -3.85 29.92
C MET A 321 -19.56 -4.69 31.16
N ILE A 322 -19.90 -4.19 32.35
CA ILE A 322 -19.81 -5.02 33.55
C ILE A 322 -20.86 -6.13 33.49
N LYS A 323 -22.05 -5.80 32.98
CA LYS A 323 -23.05 -6.83 32.71
C LYS A 323 -22.53 -7.85 31.69
N ARG A 324 -21.83 -7.36 30.66
CA ARG A 324 -21.20 -8.25 29.68
C ARG A 324 -20.20 -9.21 30.34
N TYR A 325 -19.34 -8.67 31.21
CA TYR A 325 -18.34 -9.49 31.89
C TYR A 325 -18.99 -10.53 32.80
N ASP A 326 -19.98 -10.12 33.58
CA ASP A 326 -20.64 -11.05 34.50
C ASP A 326 -21.40 -12.13 33.74
N GLU A 327 -22.03 -11.76 32.62
CA GLU A 327 -22.71 -12.75 31.81
C GLU A 327 -21.71 -13.74 31.21
N HIS A 328 -20.56 -13.24 30.76
CA HIS A 328 -19.52 -14.12 30.22
C HIS A 328 -19.02 -15.09 31.29
N HIS A 329 -18.86 -14.61 32.52
CA HIS A 329 -18.40 -15.46 33.61
C HIS A 329 -19.40 -16.57 33.89
N GLN A 330 -20.68 -16.20 34.06
CA GLN A 330 -21.69 -17.20 34.38
C GLN A 330 -21.88 -18.18 33.23
N ASP A 331 -21.75 -17.72 31.99
CA ASP A 331 -21.93 -18.61 30.85
C ASP A 331 -20.74 -19.54 30.67
N LEU A 332 -19.53 -19.08 30.99
CA LEU A 332 -18.37 -19.96 30.95
C LEU A 332 -18.44 -21.02 32.04
N THR A 333 -18.93 -20.64 33.23
CA THR A 333 -19.13 -21.63 34.28
C THR A 333 -20.14 -22.69 33.87
N LEU A 334 -21.25 -22.25 33.24
CA LEU A 334 -22.25 -23.20 32.78
C LEU A 334 -21.69 -24.10 31.69
N LEU A 335 -20.89 -23.55 30.77
CA LEU A 335 -20.27 -24.37 29.73
C LEU A 335 -19.31 -25.39 30.29
N LYS A 336 -18.48 -25.00 31.27
CA LYS A 336 -17.55 -25.93 31.89
C LYS A 336 -18.29 -27.09 32.56
N ALA A 337 -19.30 -26.77 33.37
CA ALA A 337 -20.06 -27.80 34.06
C ALA A 337 -20.78 -28.71 33.09
N LEU A 338 -21.37 -28.13 32.03
CA LEU A 338 -22.16 -28.89 31.09
C LEU A 338 -21.28 -29.80 30.22
N VAL A 339 -20.13 -29.31 29.78
CA VAL A 339 -19.23 -30.13 28.99
C VAL A 339 -18.63 -31.24 29.83
N ARG A 340 -18.35 -30.96 31.12
CA ARG A 340 -17.90 -32.03 32.01
C ARG A 340 -18.98 -33.07 32.23
N GLN A 341 -20.24 -32.65 32.31
CA GLN A 341 -21.31 -33.59 32.60
C GLN A 341 -21.68 -34.42 31.38
N GLN A 342 -21.52 -33.88 30.17
CA GLN A 342 -21.92 -34.58 28.95
C GLN A 342 -20.74 -35.12 28.15
N LEU A 343 -19.77 -34.28 27.78
CA LEU A 343 -18.70 -34.64 26.84
C LEU A 343 -17.35 -34.41 27.48
N PRO A 344 -16.83 -35.38 28.24
CA PRO A 344 -15.52 -35.17 28.90
C PRO A 344 -14.34 -35.21 27.96
N GLU A 345 -14.45 -35.84 26.80
CA GLU A 345 -13.31 -35.98 25.90
C GLU A 345 -12.98 -34.70 25.15
N LYS A 346 -13.95 -33.81 24.91
CA LYS A 346 -13.69 -32.55 24.24
C LYS A 346 -13.37 -31.40 25.18
N TYR A 347 -13.41 -31.62 26.49
CA TYR A 347 -13.01 -30.59 27.44
C TYR A 347 -11.54 -30.23 27.27
N LYS A 348 -10.70 -31.25 27.10
CA LYS A 348 -9.28 -31.03 26.82
C LYS A 348 -9.08 -30.31 25.50
N GLU A 349 -9.92 -30.61 24.52
CA GLU A 349 -9.83 -29.97 23.21
C GLU A 349 -10.20 -28.49 23.27
N ILE A 350 -11.31 -28.17 23.91
CA ILE A 350 -11.88 -26.83 23.79
C ILE A 350 -11.24 -25.87 24.78
N PHE A 351 -11.05 -26.29 26.02
CA PHE A 351 -10.58 -25.38 27.05
C PHE A 351 -9.08 -25.42 27.32
N PHE A 352 -8.32 -26.23 26.59
CA PHE A 352 -6.87 -26.18 26.76
C PHE A 352 -6.09 -25.96 25.48
N ASP A 353 -6.54 -26.51 24.35
CA ASP A 353 -5.76 -26.47 23.12
C ASP A 353 -5.99 -25.11 22.46
N GLN A 354 -4.91 -24.31 22.35
CA GLN A 354 -4.99 -22.97 21.78
C GLN A 354 -4.96 -22.95 20.26
N SER A 355 -4.72 -24.09 19.62
CA SER A 355 -4.60 -24.12 18.17
C SER A 355 -5.89 -24.54 17.47
N LYS A 356 -6.77 -25.28 18.15
CA LYS A 356 -7.96 -25.82 17.51
C LYS A 356 -9.17 -24.92 17.64
N ASN A 357 -8.96 -23.60 17.77
CA ASN A 357 -9.99 -22.57 17.59
C ASN A 357 -11.09 -22.71 18.65
N GLY A 358 -10.73 -23.25 19.82
CA GLY A 358 -11.66 -23.40 20.92
C GLY A 358 -11.79 -22.13 21.71
N TYR A 359 -12.35 -22.25 22.92
CA TYR A 359 -12.37 -21.12 23.83
C TYR A 359 -10.95 -20.75 24.25
N ALA A 360 -10.10 -21.76 24.43
CA ALA A 360 -8.68 -21.49 24.63
C ALA A 360 -8.08 -20.81 23.41
N GLY A 361 -8.49 -21.24 22.21
CA GLY A 361 -8.10 -20.52 21.01
C GLY A 361 -8.72 -19.14 20.92
N TYR A 362 -9.91 -18.96 21.48
CA TYR A 362 -10.57 -17.67 21.45
C TYR A 362 -9.86 -16.66 22.36
N ILE A 363 -9.44 -17.09 23.53
CA ILE A 363 -8.79 -16.19 24.49
C ILE A 363 -7.30 -16.13 24.25
N ASP A 364 -6.61 -17.25 24.42
CA ASP A 364 -5.16 -17.27 24.36
C ASP A 364 -4.65 -17.18 22.93
N GLY A 365 -5.35 -17.81 21.99
CA GLY A 365 -4.94 -17.83 20.60
C GLY A 365 -5.45 -16.62 19.85
N GLY A 366 -5.37 -16.70 18.53
CA GLY A 366 -5.76 -15.58 17.69
C GLY A 366 -7.15 -15.67 17.09
N ALA A 367 -8.02 -16.48 17.69
CA ALA A 367 -9.36 -16.68 17.14
C ALA A 367 -10.24 -15.47 17.41
N SER A 368 -10.95 -15.02 16.38
CA SER A 368 -11.88 -13.92 16.52
C SER A 368 -13.23 -14.45 17.02
N GLN A 369 -14.18 -13.52 17.19
CA GLN A 369 -15.46 -13.88 17.79
C GLN A 369 -16.26 -14.82 16.89
N GLU A 370 -16.31 -14.53 15.59
CA GLU A 370 -17.21 -15.27 14.72
C GLU A 370 -16.68 -16.68 14.41
N GLU A 371 -15.36 -16.85 14.29
CA GLU A 371 -14.83 -18.20 14.10
C GLU A 371 -15.04 -19.07 15.33
N PHE A 372 -14.89 -18.48 16.53
CA PHE A 372 -15.14 -19.23 17.74
C PHE A 372 -16.62 -19.60 17.84
N TYR A 373 -17.50 -18.69 17.42
CA TYR A 373 -18.93 -18.99 17.37
C TYR A 373 -19.23 -20.11 16.40
N LYS A 374 -18.64 -20.08 15.20
CA LYS A 374 -18.93 -21.09 14.20
C LYS A 374 -18.30 -22.43 14.56
N PHE A 375 -17.28 -22.44 15.41
CA PHE A 375 -16.75 -23.72 15.89
C PHE A 375 -17.64 -24.28 17.00
N ILE A 376 -18.04 -23.44 17.95
CA ILE A 376 -18.81 -23.91 19.10
C ILE A 376 -20.29 -24.19 18.77
N LYS A 377 -20.82 -23.63 17.69
CA LYS A 377 -22.24 -23.83 17.39
C LYS A 377 -22.65 -25.29 17.15
N PRO A 378 -21.93 -26.11 16.37
CA PRO A 378 -22.33 -27.53 16.31
C PRO A 378 -22.21 -28.24 17.64
N ILE A 379 -21.22 -27.86 18.45
CA ILE A 379 -21.00 -28.48 19.76
C ILE A 379 -22.19 -28.21 20.67
N LEU A 380 -22.68 -26.98 20.69
CA LEU A 380 -23.86 -26.69 21.48
C LEU A 380 -25.15 -27.10 20.79
N GLU A 381 -25.09 -27.48 19.52
CA GLU A 381 -26.28 -28.00 18.86
C GLU A 381 -26.54 -29.45 19.20
N LYS A 382 -25.54 -30.32 19.06
CA LYS A 382 -25.85 -31.74 19.30
C LYS A 382 -26.00 -32.08 20.78
N MET A 383 -25.36 -31.35 21.67
CA MET A 383 -25.57 -31.61 23.09
C MET A 383 -26.69 -30.74 23.61
N ASP A 384 -27.45 -31.26 24.57
CA ASP A 384 -28.73 -30.69 24.96
C ASP A 384 -28.61 -29.74 26.15
N GLY A 385 -29.66 -28.95 26.34
CA GLY A 385 -29.70 -28.01 27.44
C GLY A 385 -29.07 -26.67 27.13
N THR A 386 -28.98 -26.27 25.87
CA THR A 386 -28.27 -25.06 25.46
C THR A 386 -29.17 -24.12 24.66
N GLU A 387 -30.47 -24.07 24.98
CA GLU A 387 -31.36 -23.20 24.23
C GLU A 387 -31.06 -21.72 24.51
N GLU A 388 -30.75 -21.39 25.75
CA GLU A 388 -30.30 -20.03 26.06
C GLU A 388 -28.97 -19.74 25.42
N LEU A 389 -28.07 -20.73 25.37
CA LEU A 389 -26.78 -20.54 24.73
C LEU A 389 -26.93 -20.33 23.23
N LEU A 390 -27.81 -21.09 22.58
CA LEU A 390 -28.04 -20.88 21.15
C LEU A 390 -28.69 -19.53 20.87
N VAL A 391 -29.66 -19.11 21.69
CA VAL A 391 -30.30 -17.84 21.41
C VAL A 391 -29.37 -16.68 21.73
N LYS A 392 -28.40 -16.88 22.64
CA LYS A 392 -27.39 -15.85 22.89
C LYS A 392 -26.32 -15.83 21.81
N LEU A 393 -26.01 -16.98 21.22
CA LEU A 393 -25.10 -17.01 20.08
C LEU A 393 -25.73 -16.33 18.87
N ASN A 394 -27.03 -16.56 18.67
CA ASN A 394 -27.72 -15.94 17.54
C ASN A 394 -27.88 -14.44 17.70
N ARG A 395 -27.74 -13.93 18.92
CA ARG A 395 -27.73 -12.50 19.18
C ARG A 395 -26.33 -11.93 19.19
N GLU A 396 -25.32 -12.78 18.99
CA GLU A 396 -23.89 -12.41 19.08
C GLU A 396 -23.59 -11.76 20.42
N ASP A 397 -24.13 -12.34 21.48
CA ASP A 397 -23.95 -11.81 22.82
C ASP A 397 -23.39 -12.87 23.77
N LEU A 398 -22.86 -13.96 23.23
CA LEU A 398 -22.46 -15.10 24.04
C LEU A 398 -20.94 -15.07 24.18
N LEU A 399 -20.45 -15.00 25.42
CA LEU A 399 -19.02 -14.88 25.74
C LEU A 399 -18.33 -13.75 24.97
N ARG A 400 -18.92 -12.57 25.03
CA ARG A 400 -18.29 -11.40 24.41
C ARG A 400 -17.12 -10.91 25.26
N LYS A 401 -16.21 -10.19 24.61
CA LYS A 401 -15.19 -9.44 25.31
C LYS A 401 -15.63 -7.99 25.43
N GLN A 402 -14.84 -7.19 26.14
CA GLN A 402 -15.12 -5.77 26.33
C GLN A 402 -14.46 -4.95 25.22
N ARG A 403 -13.15 -5.11 25.05
CA ARG A 403 -12.45 -4.51 23.91
C ARG A 403 -12.80 -5.34 22.69
N THR A 404 -13.72 -4.84 21.89
CA THR A 404 -14.27 -5.57 20.76
C THR A 404 -14.28 -4.65 19.55
N PHE A 405 -14.34 -5.26 18.37
CA PHE A 405 -14.33 -4.52 17.11
C PHE A 405 -15.57 -3.64 16.93
N ASP A 406 -16.66 -3.93 17.64
CA ASP A 406 -17.88 -3.15 17.50
C ASP A 406 -17.93 -1.93 18.40
N ASN A 407 -16.85 -1.62 19.11
CA ASN A 407 -16.79 -0.43 19.95
C ASN A 407 -16.55 0.85 19.17
N GLY A 408 -16.53 0.79 17.84
CA GLY A 408 -16.36 1.99 17.05
C GLY A 408 -17.54 2.93 17.03
N SER A 409 -18.65 2.53 17.65
CA SER A 409 -19.88 3.30 17.60
C SER A 409 -20.02 4.28 18.76
N ILE A 410 -19.21 4.15 19.80
CA ILE A 410 -19.38 4.97 21.01
C ILE A 410 -18.89 6.39 20.73
N PRO A 411 -19.70 7.41 20.96
CA PRO A 411 -19.25 8.78 20.79
C PRO A 411 -18.35 9.20 21.94
N HIS A 412 -17.59 10.27 21.72
CA HIS A 412 -16.71 10.76 22.77
C HIS A 412 -17.46 11.41 23.91
N GLN A 413 -18.73 11.77 23.70
CA GLN A 413 -19.48 12.45 24.74
C GLN A 413 -19.82 11.54 25.91
N ILE A 414 -19.93 10.24 25.67
CA ILE A 414 -20.14 9.29 26.77
C ILE A 414 -18.93 9.26 27.68
N HIS A 415 -17.74 9.14 27.09
CA HIS A 415 -16.50 9.13 27.86
C HIS A 415 -16.29 10.46 28.56
N LEU A 416 -16.66 11.55 27.89
CA LEU A 416 -16.56 12.89 28.47
C LEU A 416 -17.48 13.02 29.67
N GLY A 417 -18.70 12.48 29.57
CA GLY A 417 -19.61 12.53 30.69
C GLY A 417 -19.12 11.73 31.88
N GLU A 418 -18.56 10.55 31.62
CA GLU A 418 -18.00 9.77 32.71
C GLU A 418 -16.80 10.47 33.35
N LEU A 419 -15.94 11.08 32.53
CA LEU A 419 -14.79 11.83 33.05
C LEU A 419 -15.23 13.04 33.86
N HIS A 420 -16.26 13.76 33.40
CA HIS A 420 -16.82 14.85 34.19
C HIS A 420 -17.40 14.34 35.50
N ALA A 421 -18.03 13.17 35.47
CA ALA A 421 -18.59 12.59 36.69
C ALA A 421 -17.50 12.28 37.72
N ILE A 422 -16.38 11.68 37.28
CA ILE A 422 -15.32 11.37 38.24
C ILE A 422 -14.68 12.63 38.78
N LEU A 423 -14.50 13.66 37.94
CA LEU A 423 -13.88 14.85 38.50
C LEU A 423 -14.84 15.64 39.39
N ARG A 424 -16.15 15.57 39.14
CA ARG A 424 -17.07 16.15 40.10
C ARG A 424 -17.08 15.37 41.40
N ARG A 425 -16.89 14.05 41.34
CA ARG A 425 -16.85 13.25 42.56
C ARG A 425 -15.59 13.52 43.37
N GLN A 426 -14.46 13.73 42.71
CA GLN A 426 -13.17 13.73 43.39
C GLN A 426 -12.55 15.12 43.50
N GLU A 427 -13.31 16.19 43.23
CA GLU A 427 -12.73 17.52 43.27
C GLU A 427 -12.47 17.99 44.70
N ASP A 428 -13.35 17.64 45.65
CA ASP A 428 -13.16 18.13 47.00
C ASP A 428 -12.04 17.42 47.74
N PHE A 429 -11.83 16.13 47.49
CA PHE A 429 -10.71 15.43 48.09
C PHE A 429 -9.39 15.92 47.52
N TYR A 430 -9.35 16.19 46.22
CA TYR A 430 -8.14 16.68 45.58
C TYR A 430 -8.46 17.99 44.89
N PRO A 431 -8.21 19.14 45.54
CA PRO A 431 -8.53 20.44 44.93
C PRO A 431 -7.71 20.72 43.69
N PHE A 432 -6.60 19.99 43.52
CA PHE A 432 -5.80 20.10 42.33
C PHE A 432 -6.60 19.77 41.08
N LEU A 433 -7.49 18.77 41.16
CA LEU A 433 -8.39 18.49 40.04
C LEU A 433 -9.36 19.63 39.79
N LYS A 434 -9.85 20.27 40.87
CA LYS A 434 -10.77 21.39 40.71
C LYS A 434 -10.09 22.60 40.08
N ASP A 435 -8.78 22.73 40.28
CA ASP A 435 -8.05 23.84 39.67
C ASP A 435 -8.06 23.77 38.15
N ASN A 436 -7.93 22.58 37.58
CA ASN A 436 -7.85 22.47 36.14
C ASN A 436 -8.71 21.32 35.62
N ARG A 437 -9.96 21.29 36.05
CA ARG A 437 -10.93 20.33 35.51
C ARG A 437 -11.18 20.58 34.04
N GLU A 438 -11.33 21.85 33.66
CA GLU A 438 -11.59 22.20 32.27
C GLU A 438 -10.42 21.83 31.39
N LYS A 439 -9.21 21.75 31.95
CA LYS A 439 -8.05 21.34 31.17
C LYS A 439 -8.15 19.87 30.74
N ILE A 440 -8.47 18.97 31.68
CA ILE A 440 -8.61 17.56 31.33
C ILE A 440 -9.80 17.33 30.41
N GLU A 441 -10.90 18.06 30.66
CA GLU A 441 -12.03 17.98 29.74
C GLU A 441 -11.63 18.44 28.35
N LYS A 442 -10.76 19.44 28.27
CA LYS A 442 -10.25 19.89 26.98
C LYS A 442 -9.39 18.82 26.33
N ILE A 443 -8.55 18.12 27.10
CA ILE A 443 -7.72 17.07 26.51
C ILE A 443 -8.56 15.98 25.87
N LEU A 444 -9.69 15.61 26.50
CA LEU A 444 -10.55 14.67 25.78
C LEU A 444 -11.23 15.36 24.59
N THR A 445 -11.80 16.53 24.80
CA THR A 445 -12.69 17.06 23.78
C THR A 445 -11.97 17.77 22.63
N PHE A 446 -10.67 18.01 22.73
CA PHE A 446 -9.98 18.76 21.68
C PHE A 446 -9.62 17.84 20.53
N ARG A 447 -9.70 18.38 19.32
CA ARG A 447 -9.31 17.69 18.10
C ARG A 447 -8.75 18.74 17.15
N ILE A 448 -7.66 18.41 16.48
CA ILE A 448 -7.15 19.37 15.48
C ILE A 448 -8.18 19.54 14.38
N PRO A 449 -8.55 20.77 14.03
CA PRO A 449 -9.49 20.96 12.93
C PRO A 449 -8.95 20.44 11.59
N TYR A 450 -9.87 19.90 10.80
CA TYR A 450 -9.61 19.36 9.49
C TYR A 450 -9.05 20.37 8.51
N TYR A 451 -9.34 21.66 8.70
CA TYR A 451 -8.83 22.66 7.78
C TYR A 451 -7.50 23.26 8.20
N VAL A 452 -7.10 23.05 9.46
CA VAL A 452 -5.83 23.60 9.92
C VAL A 452 -4.67 22.83 9.32
N GLY A 453 -4.71 21.50 9.39
CA GLY A 453 -3.63 20.70 8.90
C GLY A 453 -2.65 20.38 10.00
N PRO A 454 -1.51 19.79 9.63
CA PRO A 454 -0.46 19.53 10.63
C PRO A 454 0.05 20.83 11.20
N LEU A 455 0.39 20.80 12.49
CA LEU A 455 0.81 21.99 13.24
C LEU A 455 2.30 22.26 13.06
N ALA A 456 2.77 22.33 11.81
CA ALA A 456 4.19 22.45 11.52
C ALA A 456 4.71 23.87 11.75
N ARG A 457 6.02 24.00 11.64
CA ARG A 457 6.69 25.29 11.67
C ARG A 457 7.43 25.51 10.35
N GLY A 458 6.74 25.23 9.23
CA GLY A 458 7.33 25.43 7.92
C GLY A 458 8.26 24.35 7.46
N ASN A 459 8.24 23.18 8.09
CA ASN A 459 9.12 22.09 7.69
C ASN A 459 8.40 20.99 6.93
N SER A 460 7.07 20.96 6.97
CA SER A 460 6.37 19.92 6.24
C SER A 460 6.19 20.31 4.78
N ARG A 461 5.97 19.30 3.95
CA ARG A 461 5.62 19.47 2.55
C ARG A 461 4.13 19.35 2.31
N PHE A 462 3.35 19.12 3.37
CA PHE A 462 1.89 19.11 3.34
C PHE A 462 1.26 20.22 4.16
N ALA A 463 1.94 20.73 5.18
CA ALA A 463 1.31 21.67 6.09
C ALA A 463 1.09 23.03 5.43
N TRP A 464 0.06 23.71 5.90
CA TRP A 464 -0.36 25.00 5.36
C TRP A 464 -0.79 25.99 6.43
N MET A 465 -0.61 25.67 7.71
CA MET A 465 -1.20 26.49 8.74
C MET A 465 -0.37 27.76 8.90
N THR A 466 -0.94 28.76 9.57
CA THR A 466 -0.29 30.02 9.86
C THR A 466 -0.62 30.33 11.32
N ARG A 467 0.38 30.66 12.11
CA ARG A 467 0.19 30.94 13.51
C ARG A 467 0.45 32.40 13.83
N LYS A 468 -0.17 32.87 14.91
CA LYS A 468 -0.18 34.28 15.24
C LYS A 468 0.93 34.68 16.21
N SER A 469 1.28 33.82 17.17
CA SER A 469 2.09 34.28 18.28
C SER A 469 3.26 33.38 18.67
N GLU A 470 3.46 32.23 18.02
CA GLU A 470 4.69 31.45 18.00
C GLU A 470 5.03 30.77 19.33
N GLU A 471 4.10 30.68 20.27
CA GLU A 471 4.26 29.72 21.35
C GLU A 471 3.96 28.31 20.84
N THR A 472 4.35 27.32 21.65
CA THR A 472 4.02 25.94 21.34
C THR A 472 2.50 25.74 21.42
N ILE A 473 1.93 25.19 20.36
CA ILE A 473 0.49 24.99 20.31
C ILE A 473 0.10 23.81 21.19
N THR A 474 -0.86 24.02 22.07
CA THR A 474 -1.36 22.96 22.95
C THR A 474 -2.88 22.90 22.83
N PRO A 475 -3.53 21.95 23.50
CA PRO A 475 -4.99 21.97 23.59
C PRO A 475 -5.59 23.27 24.08
N TRP A 476 -4.87 24.03 24.91
CA TRP A 476 -5.51 25.04 25.71
C TRP A 476 -5.39 26.44 25.10
N ASN A 477 -4.31 26.70 24.36
CA ASN A 477 -4.11 27.99 23.72
C ASN A 477 -4.31 27.91 22.21
N PHE A 478 -5.01 26.88 21.73
CA PHE A 478 -5.14 26.66 20.29
C PHE A 478 -5.80 27.82 19.57
N GLU A 479 -6.95 28.27 20.06
CA GLU A 479 -7.69 29.31 19.35
C GLU A 479 -7.05 30.68 19.47
N GLU A 480 -6.10 30.88 20.39
CA GLU A 480 -5.42 32.15 20.54
C GLU A 480 -4.01 32.15 19.95
N VAL A 481 -3.56 31.05 19.35
CA VAL A 481 -2.25 31.04 18.69
C VAL A 481 -2.43 30.81 17.19
N VAL A 482 -3.45 30.06 16.81
CA VAL A 482 -3.64 29.67 15.42
C VAL A 482 -4.54 30.70 14.75
N ASP A 483 -4.07 31.25 13.63
CA ASP A 483 -4.90 32.10 12.76
C ASP A 483 -5.80 31.16 11.99
N LYS A 484 -7.00 30.94 12.54
CA LYS A 484 -7.96 30.03 11.94
C LYS A 484 -8.43 30.51 10.58
N GLY A 485 -8.56 31.82 10.40
CA GLY A 485 -9.04 32.35 9.13
C GLY A 485 -8.10 32.07 7.98
N ALA A 486 -6.83 32.46 8.12
CA ALA A 486 -5.84 32.25 7.08
C ALA A 486 -5.60 30.77 6.81
N SER A 487 -5.57 29.97 7.87
CA SER A 487 -5.38 28.53 7.71
C SER A 487 -6.56 27.90 6.98
N ALA A 488 -7.77 28.33 7.33
CA ALA A 488 -8.97 27.75 6.71
C ALA A 488 -9.07 28.14 5.24
N GLN A 489 -8.76 29.39 4.90
CA GLN A 489 -8.80 29.73 3.48
C GLN A 489 -7.65 29.11 2.71
N SER A 490 -6.50 28.90 3.35
CA SER A 490 -5.40 28.21 2.70
C SER A 490 -5.73 26.76 2.43
N PHE A 491 -6.56 26.15 3.28
CA PHE A 491 -7.02 24.77 3.04
C PHE A 491 -7.75 24.67 1.70
N ILE A 492 -8.64 25.62 1.44
CA ILE A 492 -9.50 25.54 0.26
C ILE A 492 -8.86 26.12 -0.99
N GLU A 493 -7.97 27.11 -0.87
CA GLU A 493 -7.39 27.66 -2.09
C GLU A 493 -6.31 26.77 -2.67
N ARG A 494 -5.61 26.00 -1.83
CA ARG A 494 -4.40 25.32 -2.29
C ARG A 494 -4.67 24.12 -3.18
N MET A 495 -5.89 23.57 -3.18
CA MET A 495 -6.16 22.37 -3.97
C MET A 495 -7.16 22.60 -5.11
N THR A 496 -7.58 23.85 -5.34
CA THR A 496 -8.42 24.18 -6.47
C THR A 496 -7.56 24.65 -7.64
N ASN A 497 -7.86 24.15 -8.83
CA ASN A 497 -6.98 24.36 -9.97
C ASN A 497 -7.09 25.79 -10.49
N PHE A 498 -5.98 26.27 -11.07
CA PHE A 498 -5.98 27.50 -11.83
C PHE A 498 -6.58 27.29 -13.22
N ASP A 499 -6.90 28.40 -13.87
CA ASP A 499 -7.46 28.33 -15.22
C ASP A 499 -6.42 27.86 -16.22
N LYS A 500 -6.87 27.08 -17.19
CA LYS A 500 -6.00 26.54 -18.23
C LYS A 500 -5.51 27.65 -19.18
N GLY A 592 -29.64 31.61 -12.70
CA GLY A 592 -30.06 31.05 -11.43
C GLY A 592 -29.99 32.03 -10.26
N THR A 593 -28.84 32.70 -10.11
CA THR A 593 -28.75 33.69 -9.03
C THR A 593 -29.63 34.91 -9.31
N TYR A 594 -29.95 35.17 -10.58
CA TYR A 594 -30.93 36.22 -10.94
C TYR A 594 -32.28 35.97 -10.28
N HIS A 595 -32.68 34.70 -10.17
CA HIS A 595 -33.91 34.30 -9.51
C HIS A 595 -33.71 33.90 -8.05
N ASP A 596 -32.47 33.81 -7.59
CA ASP A 596 -32.16 33.27 -6.29
C ASP A 596 -31.83 34.36 -5.27
N LEU A 597 -30.92 35.27 -5.60
CA LEU A 597 -30.54 36.34 -4.71
C LEU A 597 -31.64 37.42 -4.67
N LEU A 598 -32.60 37.34 -5.60
CA LEU A 598 -33.84 38.11 -5.51
C LEU A 598 -34.55 37.92 -4.18
N LYS A 599 -34.47 36.72 -3.60
CA LYS A 599 -35.09 36.46 -2.31
C LYS A 599 -34.34 37.23 -1.22
N ILE A 600 -33.01 37.17 -1.22
CA ILE A 600 -32.23 37.79 -0.15
C ILE A 600 -32.29 39.31 -0.23
N ILE A 601 -32.15 39.87 -1.44
CA ILE A 601 -32.21 41.32 -1.59
C ILE A 601 -33.64 41.84 -1.39
N LYS A 602 -34.64 41.00 -1.69
CA LYS A 602 -36.06 41.37 -1.76
C LYS A 602 -36.31 42.47 -2.80
N ASP A 603 -35.49 42.51 -3.84
CA ASP A 603 -35.63 43.47 -4.93
C ASP A 603 -34.82 42.96 -6.11
N LYS A 604 -35.33 43.19 -7.32
CA LYS A 604 -34.64 42.80 -8.54
C LYS A 604 -33.78 43.93 -9.11
N ASP A 605 -34.22 45.18 -8.95
CA ASP A 605 -33.46 46.32 -9.47
C ASP A 605 -32.13 46.48 -8.75
N PHE A 606 -32.12 46.30 -7.42
CA PHE A 606 -30.86 46.37 -6.69
C PHE A 606 -30.01 45.11 -6.88
N LEU A 607 -30.62 44.00 -7.29
CA LEU A 607 -29.84 42.88 -7.78
C LEU A 607 -29.16 43.22 -9.10
N ASP A 608 -29.81 44.03 -9.93
CA ASP A 608 -29.22 44.51 -11.18
C ASP A 608 -28.27 45.69 -10.99
N ASN A 609 -27.91 46.03 -9.75
CA ASN A 609 -26.98 47.13 -9.53
C ASN A 609 -25.59 46.74 -10.01
N GLU A 610 -24.92 47.68 -10.68
CA GLU A 610 -23.69 47.41 -11.41
C GLU A 610 -22.43 47.89 -10.71
N GLU A 611 -22.51 49.05 -10.03
CA GLU A 611 -21.31 49.75 -9.57
C GLU A 611 -20.59 48.97 -8.47
N ASN A 612 -21.32 48.54 -7.44
CA ASN A 612 -20.73 47.91 -6.27
C ASN A 612 -20.74 46.38 -6.34
N GLU A 613 -20.56 45.81 -7.53
CA GLU A 613 -20.72 44.38 -7.70
C GLU A 613 -19.41 43.60 -7.57
N ASP A 614 -18.26 44.27 -7.40
CA ASP A 614 -17.03 43.54 -7.12
C ASP A 614 -17.06 42.88 -5.73
N ILE A 615 -17.52 43.64 -4.72
CA ILE A 615 -17.71 43.03 -3.42
C ILE A 615 -18.84 42.00 -3.46
N LEU A 616 -19.81 42.17 -4.37
CA LEU A 616 -20.86 41.17 -4.52
C LEU A 616 -20.34 39.88 -5.12
N GLU A 617 -19.36 39.97 -6.02
CA GLU A 617 -18.58 38.79 -6.38
C GLU A 617 -17.90 38.19 -5.16
N ASP A 618 -17.45 39.05 -4.24
CA ASP A 618 -16.64 38.51 -3.16
C ASP A 618 -17.46 37.89 -2.00
N ILE A 619 -18.72 38.31 -1.78
CA ILE A 619 -19.56 37.54 -0.83
C ILE A 619 -19.84 36.12 -1.35
N VAL A 620 -20.18 36.00 -2.64
CA VAL A 620 -20.46 34.67 -3.16
C VAL A 620 -19.16 33.87 -3.26
N LEU A 621 -18.03 34.56 -3.42
CA LEU A 621 -16.72 33.90 -3.25
C LEU A 621 -16.58 33.30 -1.85
N THR A 622 -16.90 34.08 -0.82
CA THR A 622 -16.85 33.58 0.57
C THR A 622 -17.76 32.37 0.76
N LEU A 623 -19.03 32.47 0.38
CA LEU A 623 -19.95 31.37 0.70
C LEU A 623 -19.82 30.22 -0.29
N THR A 624 -18.99 30.36 -1.32
CA THR A 624 -18.59 29.21 -2.10
C THR A 624 -17.34 28.57 -1.51
N LEU A 625 -16.46 29.35 -0.90
CA LEU A 625 -15.26 28.79 -0.28
C LEU A 625 -15.58 28.17 1.09
N PHE A 626 -16.19 28.91 2.01
CA PHE A 626 -16.21 28.56 3.42
C PHE A 626 -17.49 27.83 3.83
N GLU A 627 -17.43 27.23 5.04
CA GLU A 627 -18.55 26.42 5.53
C GLU A 627 -18.94 26.66 6.99
N ASP A 628 -17.99 26.99 7.87
CA ASP A 628 -18.27 27.05 9.31
C ASP A 628 -19.04 28.33 9.64
N ARG A 629 -20.02 28.21 10.54
CA ARG A 629 -20.90 29.33 10.84
C ARG A 629 -20.16 30.56 11.36
N GLU A 630 -19.37 30.37 12.41
CA GLU A 630 -18.61 31.49 12.97
C GLU A 630 -17.57 31.99 11.97
N MET A 631 -16.96 31.08 11.20
CA MET A 631 -15.86 31.45 10.32
C MET A 631 -16.40 32.09 9.02
N ILE A 632 -17.58 31.66 8.54
CA ILE A 632 -18.27 32.41 7.48
C ILE A 632 -18.68 33.79 8.00
N GLU A 633 -19.10 33.88 9.26
CA GLU A 633 -19.39 35.19 9.85
C GLU A 633 -18.14 36.07 9.92
N GLU A 634 -17.00 35.47 10.27
CA GLU A 634 -15.76 36.24 10.38
C GLU A 634 -15.25 36.73 9.03
N ARG A 635 -15.44 35.95 7.97
CA ARG A 635 -15.06 36.44 6.64
C ARG A 635 -16.17 37.26 5.98
N LEU A 636 -17.38 37.23 6.54
CA LEU A 636 -18.49 38.06 6.14
C LEU A 636 -18.53 39.40 6.88
N LYS A 637 -17.72 39.56 7.92
CA LYS A 637 -17.48 40.80 8.66
C LYS A 637 -17.31 42.05 7.79
N THR A 638 -16.70 41.88 6.62
CA THR A 638 -16.39 42.98 5.71
C THR A 638 -17.63 43.77 5.28
N TYR A 639 -18.79 43.13 5.24
CA TYR A 639 -19.97 43.72 4.61
C TYR A 639 -21.04 44.10 5.62
N ALA A 640 -20.65 44.28 6.89
CA ALA A 640 -21.61 44.40 7.98
C ALA A 640 -22.44 45.67 7.88
N HIS A 641 -21.82 46.79 7.50
CA HIS A 641 -22.50 48.08 7.52
C HIS A 641 -23.50 48.26 6.39
N LEU A 642 -23.45 47.42 5.34
CA LEU A 642 -24.36 47.58 4.21
C LEU A 642 -25.75 47.04 4.48
N PHE A 643 -25.93 46.21 5.51
CA PHE A 643 -27.19 45.49 5.68
C PHE A 643 -27.49 45.31 7.18
N ASP A 644 -28.79 45.27 7.50
CA ASP A 644 -29.26 45.07 8.87
C ASP A 644 -29.11 43.61 9.28
N ASP A 645 -29.08 43.37 10.61
CA ASP A 645 -28.47 42.15 11.16
C ASP A 645 -29.19 40.88 10.71
N LYS A 646 -30.51 40.94 10.59
CA LYS A 646 -31.29 39.76 10.25
C LYS A 646 -30.94 39.24 8.86
N VAL A 647 -30.70 40.13 7.89
CA VAL A 647 -30.53 39.59 6.55
C VAL A 647 -29.15 38.94 6.34
N MET A 648 -28.05 39.37 6.98
CA MET A 648 -26.89 38.49 6.80
C MET A 648 -26.94 37.29 7.73
N LYS A 649 -27.61 37.39 8.89
CA LYS A 649 -27.75 36.17 9.68
C LYS A 649 -28.64 35.13 8.98
N GLN A 650 -29.48 35.55 8.04
CA GLN A 650 -30.14 34.61 7.14
C GLN A 650 -29.25 34.26 5.96
N LEU A 651 -28.43 35.20 5.49
CA LEU A 651 -27.67 35.04 4.25
C LEU A 651 -26.48 34.11 4.43
N LYS A 652 -25.95 34.00 5.66
CA LYS A 652 -24.80 33.13 5.91
C LYS A 652 -25.12 31.66 5.68
N ARG A 653 -26.40 31.29 5.61
CA ARG A 653 -26.82 29.92 5.33
C ARG A 653 -26.79 29.60 3.84
N ARG A 654 -26.51 30.58 2.99
CA ARG A 654 -26.54 30.40 1.53
C ARG A 654 -25.24 29.74 1.05
N ARG A 655 -25.11 28.47 1.37
CA ARG A 655 -23.94 27.71 0.96
C ARG A 655 -23.95 27.44 -0.54
N TYR A 656 -22.80 27.64 -1.18
CA TYR A 656 -22.66 27.45 -2.62
C TYR A 656 -21.77 26.24 -2.90
N THR A 657 -22.08 25.54 -3.99
CA THR A 657 -21.30 24.38 -4.42
C THR A 657 -20.86 24.57 -5.86
N GLY A 658 -19.76 23.92 -6.23
CA GLY A 658 -19.32 23.92 -7.61
C GLY A 658 -18.36 25.03 -7.94
N TRP A 659 -17.61 24.82 -9.03
CA TRP A 659 -16.64 25.79 -9.52
C TRP A 659 -16.70 25.83 -11.04
N GLY A 660 -16.72 27.04 -11.59
CA GLY A 660 -16.78 27.21 -13.04
C GLY A 660 -15.40 27.14 -13.64
N ARG A 661 -15.26 26.34 -14.69
CA ARG A 661 -13.96 26.16 -15.34
C ARG A 661 -13.67 27.31 -16.29
N ASP A 718 14.05 24.81 -18.44
CA ASP A 718 13.82 24.13 -17.17
C ASP A 718 14.32 22.68 -17.22
N SER A 719 14.72 22.15 -16.07
CA SER A 719 15.14 20.76 -16.01
C SER A 719 13.97 19.83 -16.25
N LEU A 720 14.26 18.70 -16.89
CA LEU A 720 13.21 17.76 -17.31
C LEU A 720 12.48 17.15 -16.11
N HIS A 721 13.23 16.85 -15.04
CA HIS A 721 12.62 16.31 -13.83
C HIS A 721 11.63 17.29 -13.20
N GLU A 722 12.01 18.58 -13.14
CA GLU A 722 11.05 19.60 -12.70
C GLU A 722 10.02 19.93 -13.76
N HIS A 723 10.32 19.70 -15.05
CA HIS A 723 9.34 19.92 -16.10
C HIS A 723 8.24 18.87 -16.10
N ILE A 724 8.49 17.70 -15.53
CA ILE A 724 7.47 16.66 -15.47
C ILE A 724 6.89 16.62 -14.07
N ALA A 725 7.68 17.06 -13.07
CA ALA A 725 7.23 16.99 -11.69
C ALA A 725 6.03 17.89 -11.39
N ASN A 726 5.76 18.88 -12.22
CA ASN A 726 4.60 19.75 -12.06
C ASN A 726 3.35 19.21 -12.72
N LEU A 727 3.44 18.09 -13.44
CA LEU A 727 2.35 17.57 -14.23
C LEU A 727 1.25 16.97 -13.36
N ALA A 728 0.04 16.92 -13.92
CA ALA A 728 -1.10 16.34 -13.25
C ALA A 728 -1.17 14.84 -13.51
N GLY A 729 -2.06 14.16 -12.78
CA GLY A 729 -2.24 12.72 -12.88
C GLY A 729 -1.60 11.97 -11.73
N SER A 730 -1.90 10.67 -11.68
CA SER A 730 -1.41 9.80 -10.62
C SER A 730 0.09 9.54 -10.78
N PRO A 731 0.81 9.33 -9.68
CA PRO A 731 2.22 8.92 -9.81
C PRO A 731 2.42 7.55 -10.43
N ALA A 732 1.39 6.68 -10.42
CA ALA A 732 1.55 5.35 -11.00
C ALA A 732 1.55 5.37 -12.53
N ILE A 733 0.65 6.15 -13.13
CA ILE A 733 0.57 6.20 -14.59
C ILE A 733 1.63 7.06 -15.26
N LYS A 734 2.33 7.89 -14.49
CA LYS A 734 3.37 8.78 -15.03
C LYS A 734 4.69 8.08 -15.30
N LYS A 735 4.89 6.88 -14.74
CA LYS A 735 6.16 6.18 -14.88
C LYS A 735 6.45 5.83 -16.33
N GLY A 736 5.43 5.38 -17.07
CA GLY A 736 5.62 5.14 -18.49
C GLY A 736 5.94 6.41 -19.26
N ILE A 737 5.42 7.55 -18.80
CA ILE A 737 5.73 8.82 -19.45
C ILE A 737 7.21 9.17 -19.27
N LEU A 738 7.73 9.05 -18.04
CA LEU A 738 9.15 9.34 -17.82
C LEU A 738 10.04 8.38 -18.61
N GLN A 739 9.69 7.10 -18.63
CA GLN A 739 10.52 6.14 -19.35
C GLN A 739 10.45 6.37 -20.86
N THR A 740 9.29 6.76 -21.38
CA THR A 740 9.17 7.01 -22.81
C THR A 740 9.94 8.25 -23.24
N VAL A 741 9.94 9.28 -22.39
CA VAL A 741 10.72 10.47 -22.70
C VAL A 741 12.21 10.13 -22.70
N LYS A 742 12.65 9.31 -21.74
CA LYS A 742 14.06 8.92 -21.71
C LYS A 742 14.43 8.01 -22.87
N VAL A 743 13.52 7.13 -23.30
CA VAL A 743 13.77 6.28 -24.47
C VAL A 743 13.86 7.10 -25.75
N VAL A 744 12.99 8.09 -25.92
CA VAL A 744 13.09 9.01 -27.07
C VAL A 744 14.41 9.76 -27.03
N ASP A 745 14.83 10.20 -25.83
CA ASP A 745 16.09 10.92 -25.72
C ASP A 745 17.25 10.05 -26.14
N GLU A 746 17.25 8.78 -25.75
CA GLU A 746 18.36 7.93 -26.16
C GLU A 746 18.27 7.53 -27.63
N LEU A 747 17.06 7.37 -28.18
CA LEU A 747 16.93 7.03 -29.59
C LEU A 747 17.28 8.18 -30.51
N VAL A 748 17.20 9.42 -30.04
CA VAL A 748 17.76 10.52 -30.82
C VAL A 748 19.24 10.67 -30.49
N LYS A 749 19.69 10.21 -29.32
CA LYS A 749 21.11 10.23 -28.99
C LYS A 749 21.90 9.28 -29.87
N VAL A 750 21.33 8.11 -30.19
CA VAL A 750 22.09 7.04 -30.82
C VAL A 750 22.49 7.43 -32.25
N MET A 751 21.73 8.28 -32.90
CA MET A 751 21.88 8.54 -34.33
C MET A 751 22.36 9.96 -34.59
N GLY A 752 23.27 10.45 -33.76
CA GLY A 752 23.84 11.77 -33.96
C GLY A 752 22.88 12.94 -33.81
N ARG A 753 21.88 12.81 -32.94
CA ARG A 753 20.88 13.87 -32.70
C ARG A 753 20.14 14.26 -33.99
N HIS A 754 19.74 13.26 -34.77
CA HIS A 754 18.87 13.46 -35.92
C HIS A 754 17.44 13.18 -35.48
N LYS A 755 16.57 14.19 -35.58
CA LYS A 755 15.19 14.00 -35.15
C LYS A 755 14.46 13.08 -36.13
N PRO A 756 13.60 12.20 -35.63
CA PRO A 756 12.76 11.40 -36.52
C PRO A 756 11.73 12.28 -37.18
N GLU A 757 11.34 11.92 -38.40
CA GLU A 757 10.25 12.66 -39.04
C GLU A 757 8.94 12.32 -38.33
N ASN A 758 8.69 11.04 -38.03
CA ASN A 758 7.45 10.64 -37.38
C ASN A 758 7.71 9.67 -36.24
N ILE A 759 7.11 9.93 -35.09
CA ILE A 759 7.02 8.99 -33.98
C ILE A 759 5.54 8.67 -33.74
N VAL A 760 5.24 7.40 -33.51
CA VAL A 760 3.87 6.90 -33.36
C VAL A 760 3.69 6.28 -31.98
N ILE A 761 2.70 6.78 -31.25
CA ILE A 761 2.44 6.37 -29.87
C ILE A 761 1.02 5.82 -29.75
N GLU A 762 0.79 5.03 -28.70
CA GLU A 762 -0.54 4.53 -28.37
C GLU A 762 -1.52 5.66 -28.09
N LEU A 921 -7.29 7.50 -22.63
CA LEU A 921 -7.89 8.24 -23.73
C LEU A 921 -7.61 9.74 -23.57
N VAL A 922 -8.27 10.36 -22.60
CA VAL A 922 -8.01 11.77 -22.28
C VAL A 922 -6.57 11.94 -21.82
N GLU A 923 -6.06 10.96 -21.08
CA GLU A 923 -4.67 10.98 -20.62
C GLU A 923 -3.71 11.02 -21.79
N THR A 924 -3.88 10.14 -22.78
CA THR A 924 -2.96 10.16 -23.91
C THR A 924 -3.20 11.34 -24.85
N ARG A 925 -4.41 11.91 -24.84
CA ARG A 925 -4.62 13.18 -25.54
C ARG A 925 -3.77 14.28 -24.91
N GLN A 926 -3.66 14.27 -23.58
CA GLN A 926 -2.76 15.20 -22.91
C GLN A 926 -1.30 14.86 -23.17
N ILE A 927 -0.98 13.56 -23.24
CA ILE A 927 0.39 13.11 -23.46
C ILE A 927 0.89 13.55 -24.83
N THR A 928 -0.01 13.55 -25.82
CA THR A 928 0.37 14.01 -27.16
C THR A 928 0.81 15.47 -27.14
N LYS A 929 0.08 16.32 -26.42
CA LYS A 929 0.49 17.72 -26.30
C LYS A 929 1.77 17.86 -25.47
N HIS A 930 1.89 17.08 -24.41
CA HIS A 930 3.06 17.19 -23.54
C HIS A 930 4.35 16.76 -24.25
N VAL A 931 4.28 15.72 -25.08
CA VAL A 931 5.43 15.36 -25.90
C VAL A 931 5.57 16.30 -27.10
N ALA A 932 4.49 16.98 -27.50
CA ALA A 932 4.61 17.93 -28.60
C ALA A 932 5.31 19.21 -28.17
N GLN A 933 5.22 19.58 -26.88
CA GLN A 933 5.92 20.77 -26.41
C GLN A 933 7.43 20.63 -26.45
N ILE A 934 7.95 19.40 -26.60
CA ILE A 934 9.39 19.18 -26.60
C ILE A 934 10.06 19.92 -27.74
N LEU A 935 9.38 19.99 -28.90
CA LEU A 935 9.95 20.58 -30.12
C LEU A 935 10.38 22.04 -29.92
N ASP A 936 9.77 22.75 -28.98
CA ASP A 936 10.23 24.08 -28.63
C ASP A 936 10.76 24.19 -27.20
N SER A 937 10.61 23.15 -26.37
CA SER A 937 11.06 23.25 -24.99
C SER A 937 12.40 22.59 -24.72
N ARG A 938 12.82 21.61 -25.52
CA ARG A 938 13.94 20.75 -25.13
C ARG A 938 15.00 20.56 -26.21
N MET A 939 14.83 21.12 -27.40
CA MET A 939 15.88 21.09 -28.41
C MET A 939 16.96 22.13 -28.11
N VAL A 953 9.28 15.61 -36.02
CA VAL A 953 8.72 14.83 -34.92
C VAL A 953 7.20 14.95 -34.98
N LYS A 954 6.62 14.56 -36.11
CA LYS A 954 5.17 14.60 -36.27
C LYS A 954 4.54 13.49 -35.46
N VAL A 955 4.03 13.84 -34.27
CA VAL A 955 3.45 12.86 -33.36
C VAL A 955 2.10 12.42 -33.89
N ILE A 956 1.87 11.12 -33.91
CA ILE A 956 0.64 10.54 -34.46
C ILE A 956 -0.11 9.85 -33.32
N THR A 957 -1.36 10.24 -33.12
CA THR A 957 -2.17 9.65 -32.05
C THR A 957 -2.87 8.43 -32.62
N LEU A 958 -2.19 7.29 -32.58
CA LEU A 958 -2.71 6.08 -33.21
C LEU A 958 -3.69 5.40 -32.26
N LYS A 959 -4.89 5.10 -32.76
CA LYS A 959 -5.86 4.30 -32.02
C LYS A 959 -5.48 2.83 -32.07
N SER A 960 -5.64 2.13 -30.92
CA SER A 960 -5.30 0.72 -30.83
C SER A 960 -6.13 -0.16 -31.76
N LYS A 961 -7.33 0.31 -32.11
CA LYS A 961 -8.23 -0.50 -32.95
C LYS A 961 -7.64 -0.75 -34.34
N LEU A 962 -6.94 0.23 -34.90
CA LEU A 962 -6.37 0.07 -36.23
C LEU A 962 -5.34 -1.06 -36.26
N VAL A 963 -4.45 -1.08 -35.27
CA VAL A 963 -3.51 -2.19 -35.18
C VAL A 963 -4.24 -3.50 -34.90
N SER A 964 -5.30 -3.44 -34.07
CA SER A 964 -6.02 -4.67 -33.75
C SER A 964 -6.69 -5.31 -34.96
N ASP A 965 -7.38 -4.53 -35.80
CA ASP A 965 -7.95 -5.22 -36.96
C ASP A 965 -6.91 -5.51 -38.04
N PHE A 966 -5.85 -4.70 -38.18
CA PHE A 966 -4.78 -5.02 -39.12
C PHE A 966 -4.02 -6.29 -38.74
N ARG A 967 -3.81 -6.55 -37.45
CA ARG A 967 -3.12 -7.75 -36.99
C ARG A 967 -3.96 -9.00 -37.19
N LYS A 968 -5.27 -8.83 -37.40
CA LYS A 968 -6.20 -9.91 -37.72
C LYS A 968 -6.36 -10.08 -39.22
N ASP A 969 -6.23 -9.00 -39.99
CA ASP A 969 -6.33 -9.05 -41.46
C ASP A 969 -5.21 -9.86 -42.08
N PHE A 970 -4.13 -10.09 -41.35
CA PHE A 970 -2.99 -10.84 -41.82
C PHE A 970 -2.62 -11.86 -40.75
N GLN A 971 -1.61 -12.68 -41.06
CA GLN A 971 -1.19 -13.85 -40.29
C GLN A 971 -0.57 -13.51 -38.94
N PHE A 972 -0.42 -12.24 -38.60
CA PHE A 972 0.39 -11.83 -37.46
C PHE A 972 -0.34 -12.01 -36.12
N TYR A 973 -0.78 -13.23 -35.83
CA TYR A 973 -1.45 -13.46 -34.56
C TYR A 973 -0.43 -13.43 -33.43
N LYS A 974 -0.86 -12.98 -32.25
CA LYS A 974 -0.01 -12.98 -31.07
C LYS A 974 -0.61 -13.86 -29.99
N VAL A 975 0.24 -14.54 -29.21
CA VAL A 975 -0.18 -15.30 -28.04
C VAL A 975 0.68 -14.74 -26.92
N ARG A 976 0.08 -13.86 -26.12
CA ARG A 976 0.76 -13.13 -25.05
C ARG A 976 1.34 -14.02 -23.96
N GLU A 977 0.95 -15.27 -23.90
CA GLU A 977 1.45 -16.18 -22.88
C GLU A 977 2.85 -16.69 -23.19
N ILE A 978 3.34 -16.49 -24.43
CA ILE A 978 4.62 -17.07 -24.84
C ILE A 978 5.79 -16.28 -24.28
N ASN A 979 5.92 -15.03 -24.72
CA ASN A 979 7.09 -14.23 -24.38
C ASN A 979 6.74 -12.75 -24.48
N ASN A 980 7.70 -11.93 -24.09
CA ASN A 980 7.54 -10.49 -24.01
C ASN A 980 7.87 -9.78 -25.32
N TYR A 981 8.15 -10.50 -26.39
CA TYR A 981 8.51 -9.87 -27.66
C TYR A 981 7.35 -9.10 -28.28
N HIS A 982 6.11 -9.46 -27.96
CA HIS A 982 4.97 -8.84 -28.61
C HIS A 982 4.82 -7.36 -28.25
N HIS A 983 5.42 -6.90 -27.15
CA HIS A 983 5.52 -5.47 -26.89
C HIS A 983 6.28 -4.78 -28.02
N ALA A 984 7.47 -5.28 -28.34
CA ALA A 984 8.26 -4.70 -29.41
C ALA A 984 7.60 -4.89 -30.77
N HIS A 985 6.93 -6.02 -30.95
CA HIS A 985 6.17 -6.24 -32.18
C HIS A 985 5.01 -5.25 -32.31
N ASP A 986 4.34 -4.94 -31.21
CA ASP A 986 3.28 -3.95 -31.23
C ASP A 986 3.84 -2.55 -31.49
N ALA A 987 5.05 -2.28 -31.03
CA ALA A 987 5.70 -1.02 -31.37
C ALA A 987 5.99 -0.93 -32.85
N TYR A 988 6.47 -2.04 -33.44
CA TYR A 988 6.68 -2.12 -34.88
C TYR A 988 5.38 -1.86 -35.64
N LEU A 989 4.30 -2.54 -35.22
CA LEU A 989 3.01 -2.38 -35.89
C LEU A 989 2.49 -0.95 -35.75
N ASN A 990 2.74 -0.32 -34.60
CA ASN A 990 2.37 1.07 -34.41
C ASN A 990 3.08 1.95 -35.41
N ALA A 991 4.40 1.79 -35.53
CA ALA A 991 5.19 2.58 -36.49
C ALA A 991 4.72 2.35 -37.92
N VAL A 992 4.47 1.08 -38.28
CA VAL A 992 4.15 0.76 -39.67
C VAL A 992 2.78 1.30 -40.05
N VAL A 993 1.79 1.18 -39.16
CA VAL A 993 0.45 1.67 -39.48
C VAL A 993 0.42 3.19 -39.49
N GLY A 994 1.15 3.82 -38.57
CA GLY A 994 1.20 5.28 -38.56
C GLY A 994 1.84 5.86 -39.81
N THR A 995 2.97 5.30 -40.24
CA THR A 995 3.61 5.80 -41.44
C THR A 995 2.82 5.46 -42.70
N ALA A 996 2.12 4.32 -42.71
CA ALA A 996 1.27 4.00 -43.86
C ALA A 996 0.08 4.95 -43.94
N LEU A 997 -0.54 5.25 -42.80
CA LEU A 997 -1.68 6.16 -42.77
C LEU A 997 -1.27 7.57 -43.19
N ILE A 998 -0.10 8.04 -42.75
CA ILE A 998 0.31 9.37 -43.19
C ILE A 998 0.86 9.38 -44.60
N LYS A 999 1.24 8.22 -45.15
CA LYS A 999 1.71 8.20 -46.53
C LYS A 999 0.58 8.10 -47.56
N LYS A 1000 -0.64 7.79 -47.14
CA LYS A 1000 -1.77 7.77 -48.06
C LYS A 1000 -2.32 9.17 -48.26
N ILE A 1022 -28.45 9.32 -39.13
CA ILE A 1022 -27.21 8.61 -38.88
C ILE A 1022 -26.36 9.39 -37.88
N ARG A 1078 8.34 -4.16 -51.79
CA ARG A 1078 9.53 -4.64 -51.09
C ARG A 1078 9.27 -4.63 -49.58
N ASP A 1079 8.55 -3.60 -49.14
CA ASP A 1079 8.34 -3.36 -47.72
C ASP A 1079 7.34 -4.34 -47.10
N PHE A 1080 6.21 -4.55 -47.78
CA PHE A 1080 5.25 -5.55 -47.30
C PHE A 1080 5.79 -6.97 -47.44
N ALA A 1081 6.84 -7.16 -48.24
CA ALA A 1081 7.61 -8.39 -48.17
C ALA A 1081 8.56 -8.41 -46.97
N THR A 1082 9.00 -7.23 -46.52
CA THR A 1082 9.97 -7.15 -45.43
C THR A 1082 9.32 -7.41 -44.07
N VAL A 1083 8.04 -7.03 -43.93
CA VAL A 1083 7.36 -7.12 -42.63
C VAL A 1083 7.31 -8.55 -42.10
N ARG A 1084 7.18 -9.53 -43.00
CA ARG A 1084 7.15 -10.93 -42.59
C ARG A 1084 8.48 -11.36 -42.00
N LYS A 1085 9.58 -10.97 -42.65
CA LYS A 1085 10.91 -11.29 -42.14
C LYS A 1085 11.13 -10.61 -40.79
N VAL A 1086 10.70 -9.35 -40.66
CA VAL A 1086 11.03 -8.59 -39.47
C VAL A 1086 10.23 -9.09 -38.26
N LEU A 1087 9.00 -9.60 -38.47
CA LEU A 1087 8.29 -10.26 -37.37
C LEU A 1087 9.02 -11.49 -36.84
N SER A 1088 9.69 -12.23 -37.72
CA SER A 1088 10.26 -13.51 -37.34
C SER A 1088 11.62 -13.39 -36.68
N MET A 1089 12.13 -12.17 -36.49
CA MET A 1089 13.47 -11.97 -35.95
C MET A 1089 13.58 -12.51 -34.53
N PRO A 1090 14.62 -13.28 -34.21
CA PRO A 1090 14.75 -13.83 -32.86
C PRO A 1090 15.39 -12.92 -31.83
N GLN A 1091 16.10 -11.87 -32.24
CA GLN A 1091 16.81 -11.02 -31.30
C GLN A 1091 16.03 -9.73 -31.09
N VAL A 1092 15.53 -9.53 -29.88
CA VAL A 1092 14.80 -8.33 -29.49
C VAL A 1092 15.37 -7.85 -28.17
N ASN A 1093 15.71 -6.58 -28.09
CA ASN A 1093 16.36 -6.05 -26.89
C ASN A 1093 15.31 -5.84 -25.81
N ILE A 1094 15.26 -6.73 -24.83
CA ILE A 1094 14.27 -6.64 -23.78
C ILE A 1094 14.97 -6.41 -22.46
N VAL A 1095 14.64 -5.30 -21.83
CA VAL A 1095 15.31 -4.81 -20.63
C VAL A 1095 14.32 -4.75 -19.49
N LYS A 1096 14.56 -5.53 -18.44
CA LYS A 1096 13.90 -5.34 -17.16
C LYS A 1096 14.65 -4.26 -16.38
N LYS A 1097 13.96 -3.19 -16.04
CA LYS A 1097 14.59 -2.01 -15.45
C LYS A 1097 15.16 -2.33 -14.07
N THR A 1098 16.46 -2.19 -13.90
CA THR A 1098 17.10 -2.37 -12.61
C THR A 1098 16.72 -1.21 -11.69
N GLU A 1099 15.91 -1.48 -10.67
CA GLU A 1099 15.41 -0.43 -9.80
C GLU A 1099 15.59 -0.83 -8.34
N VAL A 1100 16.07 0.11 -7.53
CA VAL A 1100 16.28 -0.12 -6.11
C VAL A 1100 14.94 -0.12 -5.39
N GLN A 1101 14.71 -1.15 -4.58
CA GLN A 1101 13.44 -1.26 -3.88
C GLN A 1101 13.38 -0.22 -2.76
N THR A 1102 12.29 0.53 -2.71
CA THR A 1102 12.02 1.45 -1.60
C THR A 1102 10.67 1.11 -0.98
N GLY A 1103 10.53 1.35 0.32
CA GLY A 1103 9.27 1.04 0.95
C GLY A 1103 9.45 0.67 2.42
N GLY A 1104 8.50 -0.14 2.88
CA GLY A 1104 8.49 -0.59 4.26
C GLY A 1104 9.64 -1.51 4.59
N PHE A 1105 10.03 -1.52 5.86
CA PHE A 1105 11.13 -2.36 6.33
C PHE A 1105 10.84 -3.84 6.10
N SER A 1106 9.65 -4.28 6.47
CA SER A 1106 9.36 -5.71 6.44
C SER A 1106 7.86 -5.92 6.43
N LYS A 1107 7.48 -7.20 6.39
CA LYS A 1107 6.12 -7.60 6.66
C LYS A 1107 5.76 -7.16 8.06
N GLU A 1108 4.55 -6.63 8.24
CA GLU A 1108 4.26 -5.81 9.40
C GLU A 1108 3.93 -6.60 10.66
N SER A 1109 3.65 -7.89 10.54
CA SER A 1109 3.27 -8.68 11.71
C SER A 1109 4.46 -8.86 12.64
N ILE A 1110 4.25 -8.55 13.91
CA ILE A 1110 5.27 -8.74 14.93
C ILE A 1110 5.23 -10.18 15.42
N ARG A 1111 6.31 -10.91 15.22
CA ARG A 1111 6.41 -12.32 15.55
C ARG A 1111 6.71 -12.49 17.03
N PRO A 1112 6.33 -13.63 17.62
CA PRO A 1112 6.66 -13.90 19.02
C PRO A 1112 8.16 -14.03 19.25
N LYS A 1113 8.53 -14.10 20.53
CA LYS A 1113 9.91 -14.33 20.90
C LYS A 1113 10.36 -15.71 20.42
N ARG A 1114 11.57 -15.76 19.86
CA ARG A 1114 12.16 -16.99 19.37
C ARG A 1114 13.66 -16.88 19.47
N ASN A 1115 14.33 -18.01 19.30
CA ASN A 1115 15.78 -18.07 19.42
C ASN A 1115 16.46 -17.85 18.09
N SER A 1116 15.70 -17.53 17.05
CA SER A 1116 16.32 -17.29 15.77
C SER A 1116 17.03 -15.94 15.78
N ASP A 1117 17.98 -15.80 14.88
CA ASP A 1117 18.78 -14.59 14.81
C ASP A 1117 18.34 -13.74 13.63
N LYS A 1118 17.32 -14.18 12.91
CA LYS A 1118 16.78 -13.42 11.80
C LYS A 1118 15.64 -12.49 12.19
N LEU A 1119 15.22 -12.48 13.45
CA LEU A 1119 14.21 -11.52 13.89
C LEU A 1119 14.80 -10.12 13.99
N ILE A 1120 14.08 -9.16 13.42
CA ILE A 1120 14.51 -7.77 13.41
C ILE A 1120 14.12 -7.15 14.74
N ALA A 1121 15.07 -6.44 15.35
CA ALA A 1121 14.81 -5.67 16.56
C ALA A 1121 13.86 -4.51 16.26
N ARG A 1122 12.63 -4.63 16.76
CA ARG A 1122 11.62 -3.61 16.54
C ARG A 1122 11.87 -2.33 17.33
N LYS A 1123 12.83 -2.33 18.24
CA LYS A 1123 13.31 -1.13 18.89
C LYS A 1123 14.78 -1.38 19.20
N LYS A 1124 15.52 -0.30 19.46
CA LYS A 1124 16.96 -0.42 19.67
C LYS A 1124 17.30 -1.26 20.89
N ASP A 1125 16.64 -0.97 22.02
CA ASP A 1125 16.91 -1.73 23.24
C ASP A 1125 16.19 -3.07 23.26
N TRP A 1126 15.09 -3.18 22.53
CA TRP A 1126 14.24 -4.39 22.59
C TRP A 1126 14.90 -5.50 21.80
N ASP A 1127 15.64 -6.35 22.50
CA ASP A 1127 16.35 -7.48 21.89
C ASP A 1127 15.32 -8.49 21.42
N PRO A 1128 15.31 -8.88 20.14
CA PRO A 1128 14.27 -9.78 19.64
C PRO A 1128 14.35 -11.20 20.18
N LYS A 1129 15.42 -11.56 20.89
CA LYS A 1129 15.47 -12.85 21.56
C LYS A 1129 14.35 -12.95 22.59
N LYS A 1130 14.09 -11.86 23.30
CA LYS A 1130 13.14 -11.81 24.40
C LYS A 1130 11.84 -11.12 24.03
N TYR A 1131 11.91 -10.08 23.20
CA TYR A 1131 10.77 -9.21 22.93
C TYR A 1131 10.05 -9.52 21.61
N GLY A 1132 10.62 -10.36 20.76
CA GLY A 1132 10.06 -10.58 19.44
C GLY A 1132 10.39 -9.44 18.49
N GLY A 1133 9.89 -9.56 17.27
CA GLY A 1133 10.17 -8.55 16.27
C GLY A 1133 9.68 -8.99 14.90
N PHE A 1134 10.11 -8.23 13.89
CA PHE A 1134 9.65 -8.45 12.53
C PHE A 1134 10.48 -9.52 11.82
N LEU A 1135 9.92 -9.99 10.71
CA LEU A 1135 10.58 -10.91 9.80
C LEU A 1135 10.32 -10.46 8.37
N TRP A 1136 10.99 -11.11 7.44
CA TRP A 1136 11.00 -10.82 6.00
C TRP A 1136 11.34 -9.37 5.68
N PRO A 1137 12.57 -8.91 5.93
CA PRO A 1137 12.94 -7.56 5.51
C PRO A 1137 13.01 -7.44 4.00
N THR A 1138 12.64 -6.27 3.50
CA THR A 1138 12.79 -5.99 2.08
C THR A 1138 14.20 -5.50 1.81
N VAL A 1139 14.85 -6.12 0.84
CA VAL A 1139 16.19 -5.72 0.44
C VAL A 1139 16.11 -4.52 -0.48
N ALA A 1140 17.05 -3.59 -0.33
CA ALA A 1140 17.11 -2.46 -1.24
C ALA A 1140 17.88 -2.83 -2.51
N TYR A 1141 19.12 -3.25 -2.35
CA TYR A 1141 19.93 -3.73 -3.46
C TYR A 1141 21.00 -4.67 -2.92
N SER A 1142 21.52 -5.51 -3.79
CA SER A 1142 22.63 -6.36 -3.43
C SER A 1142 23.95 -5.64 -3.69
N VAL A 1143 24.98 -6.06 -2.97
CA VAL A 1143 26.32 -5.49 -3.08
C VAL A 1143 27.32 -6.62 -3.21
N LEU A 1144 28.06 -6.63 -4.31
CA LEU A 1144 29.14 -7.59 -4.48
C LEU A 1144 30.35 -7.13 -3.68
N VAL A 1145 30.82 -7.97 -2.77
CA VAL A 1145 31.91 -7.64 -1.88
C VAL A 1145 32.93 -8.77 -1.93
N VAL A 1146 34.21 -8.41 -2.07
CA VAL A 1146 35.31 -9.35 -1.92
C VAL A 1146 36.12 -8.95 -0.69
N ALA A 1147 36.40 -9.92 0.17
CA ALA A 1147 37.03 -9.67 1.44
C ALA A 1147 37.56 -10.97 2.01
N LYS A 1148 38.25 -10.86 3.15
CA LYS A 1148 38.64 -12.00 3.96
C LYS A 1148 37.59 -12.20 5.05
N VAL A 1149 37.25 -13.45 5.31
CA VAL A 1149 36.37 -13.80 6.42
C VAL A 1149 37.00 -14.97 7.16
N GLU A 1150 37.16 -14.82 8.47
CA GLU A 1150 37.67 -15.92 9.28
C GLU A 1150 36.55 -16.93 9.49
N LYS A 1151 36.84 -18.20 9.20
CA LYS A 1151 35.89 -19.27 9.44
C LYS A 1151 36.63 -20.42 10.10
N GLY A 1152 35.93 -21.15 10.96
CA GLY A 1152 36.49 -22.30 11.63
C GLY A 1152 36.91 -21.99 13.05
N LYS A 1153 36.98 -23.04 13.87
CA LYS A 1153 37.45 -22.90 15.24
C LYS A 1153 38.90 -22.45 15.26
N SER A 1154 39.74 -23.06 14.42
CA SER A 1154 41.06 -22.52 14.10
C SER A 1154 40.85 -21.58 12.93
N LYS A 1155 40.54 -20.33 13.25
CA LYS A 1155 40.15 -19.35 12.24
C LYS A 1155 41.29 -19.04 11.26
N LYS A 1156 40.93 -18.95 9.99
CA LYS A 1156 41.87 -18.69 8.91
C LYS A 1156 41.34 -17.54 8.05
N LEU A 1157 42.24 -16.66 7.63
CA LEU A 1157 41.88 -15.46 6.87
C LEU A 1157 41.70 -15.85 5.40
N LYS A 1158 40.57 -16.51 5.12
CA LYS A 1158 40.30 -17.06 3.81
C LYS A 1158 39.56 -16.03 2.97
N SER A 1159 39.99 -15.87 1.73
CA SER A 1159 39.35 -14.93 0.83
C SER A 1159 38.01 -15.48 0.35
N VAL A 1160 37.06 -14.57 0.13
CA VAL A 1160 35.72 -14.94 -0.27
C VAL A 1160 35.19 -13.87 -1.21
N LYS A 1161 34.40 -14.29 -2.18
CA LYS A 1161 33.65 -13.38 -3.03
C LYS A 1161 32.19 -13.77 -2.96
N GLU A 1162 31.34 -12.82 -2.58
CA GLU A 1162 29.91 -13.09 -2.48
C GLU A 1162 29.17 -11.77 -2.51
N LEU A 1163 27.88 -11.84 -2.78
CA LEU A 1163 27.02 -10.67 -2.77
C LEU A 1163 26.13 -10.71 -1.53
N LEU A 1164 25.99 -9.55 -0.90
CA LEU A 1164 25.24 -9.39 0.34
C LEU A 1164 24.15 -8.36 0.15
N GLY A 1165 23.00 -8.60 0.80
CA GLY A 1165 21.85 -7.76 0.63
C GLY A 1165 21.75 -6.60 1.63
N ILE A 1166 21.53 -5.41 1.09
CA ILE A 1166 21.29 -4.21 1.89
C ILE A 1166 19.78 -4.06 2.08
N THR A 1167 19.32 -4.15 3.32
CA THR A 1167 17.92 -3.86 3.58
C THR A 1167 17.70 -2.36 3.59
N ILE A 1168 16.42 -1.96 3.56
CA ILE A 1168 16.05 -0.59 3.25
C ILE A 1168 16.53 0.37 4.34
N MET A 1169 16.40 -0.01 5.60
CA MET A 1169 16.90 0.84 6.68
C MET A 1169 18.41 0.74 6.89
N GLU A 1170 19.06 -0.28 6.36
CA GLU A 1170 20.53 -0.31 6.36
C GLU A 1170 21.13 0.52 5.24
N ARG A 1171 20.30 0.91 4.28
CA ARG A 1171 20.73 1.65 3.10
C ARG A 1171 21.34 2.99 3.47
N SER A 1172 20.70 3.73 4.39
CA SER A 1172 21.25 5.01 4.82
C SER A 1172 22.58 4.84 5.53
N SER A 1173 22.66 3.84 6.43
CA SER A 1173 23.89 3.60 7.16
C SER A 1173 24.99 3.04 6.26
N PHE A 1174 24.61 2.27 5.24
CA PHE A 1174 25.62 1.74 4.33
C PHE A 1174 26.16 2.85 3.43
N GLU A 1175 25.27 3.63 2.81
CA GLU A 1175 25.74 4.73 1.95
C GLU A 1175 26.41 5.84 2.73
N LYS A 1176 26.17 5.96 4.04
CA LYS A 1176 26.94 6.90 4.83
C LYS A 1176 28.41 6.50 4.90
N ASN A 1177 28.67 5.21 5.08
CA ASN A 1177 30.03 4.71 5.22
C ASN A 1177 30.06 3.21 4.91
N PRO A 1178 30.37 2.83 3.67
CA PRO A 1178 30.21 1.42 3.25
C PRO A 1178 31.15 0.46 3.95
N ILE A 1179 32.44 0.81 4.00
CA ILE A 1179 33.44 -0.10 4.54
C ILE A 1179 33.19 -0.38 6.01
N ASP A 1180 32.78 0.63 6.77
CA ASP A 1180 32.58 0.42 8.20
C ASP A 1180 31.35 -0.44 8.45
N PHE A 1181 30.30 -0.28 7.63
CA PHE A 1181 29.15 -1.15 7.73
C PHE A 1181 29.51 -2.59 7.36
N LEU A 1182 30.35 -2.77 6.34
CA LEU A 1182 30.74 -4.12 5.96
C LEU A 1182 31.59 -4.78 7.04
N GLU A 1183 32.50 -4.02 7.66
CA GLU A 1183 33.27 -4.56 8.78
C GLU A 1183 32.38 -4.84 9.98
N ALA A 1184 31.31 -4.08 10.16
CA ALA A 1184 30.33 -4.41 11.19
C ALA A 1184 29.65 -5.75 10.90
N LYS A 1185 29.47 -6.08 9.61
CA LYS A 1185 28.91 -7.37 9.23
C LYS A 1185 29.91 -8.52 9.36
N GLY A 1186 31.18 -8.23 9.59
CA GLY A 1186 32.18 -9.26 9.79
C GLY A 1186 33.15 -9.48 8.64
N TYR A 1187 33.16 -8.61 7.63
CA TYR A 1187 34.13 -8.70 6.54
C TYR A 1187 35.36 -7.87 6.85
N LYS A 1188 36.52 -8.40 6.48
CA LYS A 1188 37.80 -7.77 6.77
C LYS A 1188 38.52 -7.44 5.47
N GLU A 1189 39.23 -6.30 5.46
CA GLU A 1189 39.96 -5.73 4.33
C GLU A 1189 39.17 -5.78 3.02
N VAL A 1190 37.96 -5.23 3.08
CA VAL A 1190 37.12 -5.06 1.90
C VAL A 1190 37.80 -4.14 0.89
N LYS A 1191 37.80 -4.55 -0.37
CA LYS A 1191 38.31 -3.73 -1.47
C LYS A 1191 37.31 -2.63 -1.78
N LYS A 1192 37.64 -1.39 -1.38
CA LYS A 1192 36.74 -0.24 -1.57
C LYS A 1192 36.33 -0.06 -3.02
N ASP A 1193 37.29 0.00 -3.93
CA ASP A 1193 36.96 0.35 -5.31
C ASP A 1193 36.40 -0.82 -6.12
N LEU A 1194 36.43 -2.03 -5.59
CA LEU A 1194 35.93 -3.18 -6.31
C LEU A 1194 34.47 -3.50 -5.97
N ILE A 1195 33.88 -2.73 -5.05
CA ILE A 1195 32.47 -2.91 -4.69
C ILE A 1195 31.57 -2.52 -5.84
N ILE A 1196 30.59 -3.38 -6.14
CA ILE A 1196 29.63 -3.14 -7.21
C ILE A 1196 28.24 -3.15 -6.61
N LYS A 1197 27.46 -2.11 -6.90
CA LYS A 1197 26.07 -2.08 -6.49
C LYS A 1197 25.23 -2.87 -7.48
N LEU A 1198 24.37 -3.75 -6.96
CA LEU A 1198 23.55 -4.63 -7.80
C LEU A 1198 22.10 -4.45 -7.40
N PRO A 1199 21.36 -3.61 -8.10
CA PRO A 1199 19.92 -3.49 -7.85
C PRO A 1199 19.17 -4.76 -8.25
N LYS A 1200 17.89 -4.78 -7.89
CA LYS A 1200 17.02 -5.86 -8.32
C LYS A 1200 16.89 -5.86 -9.83
N TYR A 1201 16.69 -7.05 -10.40
CA TYR A 1201 16.67 -7.31 -11.85
C TYR A 1201 18.01 -7.00 -12.53
N SER A 1202 19.10 -7.00 -11.78
CA SER A 1202 20.42 -7.00 -12.38
C SER A 1202 20.58 -8.26 -13.23
N LEU A 1203 21.12 -8.10 -14.43
CA LEU A 1203 21.15 -9.19 -15.39
C LEU A 1203 22.53 -9.82 -15.43
N PHE A 1204 22.57 -11.15 -15.33
CA PHE A 1204 23.81 -11.91 -15.43
C PHE A 1204 23.72 -12.84 -16.64
N GLU A 1205 24.77 -12.85 -17.44
CA GLU A 1205 24.92 -13.75 -18.57
C GLU A 1205 25.84 -14.89 -18.17
N LEU A 1206 25.41 -16.12 -18.41
CA LEU A 1206 26.21 -17.27 -18.01
C LEU A 1206 26.62 -18.02 -19.27
N GLU A 1207 27.24 -19.18 -19.09
CA GLU A 1207 27.70 -19.98 -20.21
C GLU A 1207 26.54 -20.55 -21.02
N ASN A 1208 26.82 -20.83 -22.29
CA ASN A 1208 25.87 -21.40 -23.26
C ASN A 1208 24.66 -20.48 -23.47
N GLY A 1209 24.86 -19.17 -23.31
CA GLY A 1209 23.81 -18.19 -23.51
C GLY A 1209 22.74 -18.14 -22.44
N ARG A 1210 22.95 -18.80 -21.32
CA ARG A 1210 21.99 -18.77 -20.23
C ARG A 1210 22.04 -17.42 -19.52
N LYS A 1211 20.91 -16.74 -19.42
CA LYS A 1211 20.83 -15.49 -18.68
C LYS A 1211 19.93 -15.65 -17.47
N ARG A 1212 20.35 -15.07 -16.36
CA ARG A 1212 19.58 -15.13 -15.13
C ARG A 1212 19.49 -13.72 -14.58
N MET A 1213 18.34 -13.42 -14.00
CA MET A 1213 18.03 -12.09 -13.48
C MET A 1213 18.00 -12.17 -11.97
N LEU A 1214 18.40 -11.10 -11.31
CA LEU A 1214 18.65 -11.12 -9.88
C LEU A 1214 17.44 -10.52 -9.17
N ALA A 1215 16.81 -11.32 -8.31
CA ALA A 1215 15.64 -10.88 -7.55
C ALA A 1215 16.02 -10.33 -6.19
N SER A 1216 17.02 -10.93 -5.56
CA SER A 1216 17.52 -10.51 -4.26
C SER A 1216 18.91 -11.10 -4.09
N ALA A 1217 19.53 -10.83 -2.94
CA ALA A 1217 20.84 -11.42 -2.67
C ALA A 1217 20.79 -12.94 -2.54
N LYS A 1218 19.61 -13.53 -2.40
CA LYS A 1218 19.46 -14.96 -2.18
C LYS A 1218 18.47 -15.60 -3.16
N GLN A 1219 18.13 -14.92 -4.25
CA GLN A 1219 17.13 -15.48 -5.15
C GLN A 1219 17.33 -14.92 -6.54
N LEU A 1220 17.21 -15.78 -7.55
CA LEU A 1220 17.35 -15.39 -8.94
C LEU A 1220 16.03 -15.58 -9.69
N GLN A 1221 16.03 -15.14 -10.94
CA GLN A 1221 14.88 -15.27 -11.82
C GLN A 1221 15.37 -15.73 -13.18
N LYS A 1222 14.46 -16.31 -13.96
CA LYS A 1222 14.78 -16.69 -15.31
C LYS A 1222 14.91 -15.45 -16.17
N GLY A 1223 15.96 -15.41 -16.99
CA GLY A 1223 16.24 -14.23 -17.77
C GLY A 1223 16.41 -14.51 -19.25
N ASN A 1224 15.80 -15.57 -19.73
CA ASN A 1224 15.87 -15.92 -21.14
C ASN A 1224 14.47 -16.08 -21.70
N GLU A 1225 14.34 -15.77 -22.98
CA GLU A 1225 13.07 -15.82 -23.68
C GLU A 1225 13.22 -16.69 -24.92
N LEU A 1226 12.28 -17.59 -25.12
CA LEU A 1226 12.26 -18.38 -26.33
C LEU A 1226 11.46 -17.67 -27.40
N ALA A 1227 11.86 -17.87 -28.65
CA ALA A 1227 11.14 -17.31 -29.78
C ALA A 1227 10.71 -18.46 -30.68
N LEU A 1228 9.43 -18.57 -30.90
CA LEU A 1228 8.98 -19.58 -31.83
C LEU A 1228 8.91 -18.99 -33.24
N PRO A 1229 9.08 -19.85 -34.24
CA PRO A 1229 8.70 -19.47 -35.60
C PRO A 1229 7.23 -19.09 -35.67
N SER A 1230 6.94 -18.11 -36.54
CA SER A 1230 5.59 -17.53 -36.61
C SER A 1230 4.54 -18.56 -37.01
N LYS A 1231 4.93 -19.59 -37.76
CA LYS A 1231 3.99 -20.64 -38.13
C LYS A 1231 3.46 -21.38 -36.91
N TYR A 1232 4.33 -21.64 -35.92
CA TYR A 1232 3.91 -22.29 -34.69
C TYR A 1232 2.94 -21.39 -33.92
N VAL A 1233 3.22 -20.09 -33.90
CA VAL A 1233 2.35 -19.14 -33.24
C VAL A 1233 0.99 -19.07 -33.92
N ASN A 1234 0.97 -19.11 -35.25
CA ASN A 1234 -0.30 -19.09 -35.98
C ASN A 1234 -1.12 -20.35 -35.70
N PHE A 1235 -0.48 -21.52 -35.65
CA PHE A 1235 -1.21 -22.75 -35.32
C PHE A 1235 -1.79 -22.61 -33.91
N LEU A 1236 -0.96 -22.16 -32.96
CA LEU A 1236 -1.41 -22.09 -31.57
C LEU A 1236 -2.50 -21.06 -31.37
N TYR A 1237 -2.53 -20.00 -32.17
CA TYR A 1237 -3.67 -19.08 -32.08
C TYR A 1237 -4.90 -19.70 -32.70
N LEU A 1238 -4.77 -20.25 -33.91
CA LEU A 1238 -5.94 -20.69 -34.66
C LEU A 1238 -6.48 -22.02 -34.21
N ALA A 1239 -5.92 -22.60 -33.16
CA ALA A 1239 -6.49 -23.82 -32.60
C ALA A 1239 -7.61 -23.53 -31.61
N SER A 1240 -7.94 -22.27 -31.36
CA SER A 1240 -8.88 -21.87 -30.32
C SER A 1240 -9.82 -20.80 -30.87
N HIS A 1241 -10.73 -20.33 -30.01
CA HIS A 1241 -11.66 -19.23 -30.30
C HIS A 1241 -12.64 -19.54 -31.43
N TYR A 1242 -13.02 -20.82 -31.59
CA TYR A 1242 -13.86 -21.27 -32.69
C TYR A 1242 -15.20 -20.54 -32.80
N GLU A 1243 -15.79 -20.15 -31.67
CA GLU A 1243 -17.09 -19.49 -31.69
C GLU A 1243 -17.01 -18.03 -32.16
N LYS A 1244 -15.82 -17.46 -32.25
CA LYS A 1244 -15.67 -16.07 -32.70
C LYS A 1244 -14.59 -15.86 -33.76
N LEU A 1245 -13.78 -16.88 -34.06
CA LEU A 1245 -12.64 -16.69 -34.96
C LEU A 1245 -13.08 -16.31 -36.37
N LYS A 1246 -14.03 -17.07 -36.94
CA LYS A 1246 -14.23 -17.03 -38.39
C LYS A 1246 -14.87 -15.72 -38.84
N GLY A 1247 -15.87 -15.23 -38.11
CA GLY A 1247 -16.51 -13.99 -38.48
C GLY A 1247 -17.57 -14.13 -39.57
N SER A 1248 -17.40 -15.10 -40.45
CA SER A 1248 -18.34 -15.44 -41.50
C SER A 1248 -18.39 -16.96 -41.60
N PRO A 1249 -19.56 -17.54 -41.96
CA PRO A 1249 -19.79 -18.96 -41.64
C PRO A 1249 -19.11 -20.00 -42.52
N GLU A 1250 -18.79 -19.69 -43.79
CA GLU A 1250 -18.26 -20.74 -44.66
C GLU A 1250 -17.01 -20.39 -45.45
N ASP A 1251 -16.73 -19.10 -45.69
CA ASP A 1251 -15.51 -18.76 -46.43
C ASP A 1251 -14.27 -18.91 -45.57
N ASN A 1252 -14.38 -18.58 -44.28
CA ASN A 1252 -13.28 -18.67 -43.33
C ASN A 1252 -13.07 -20.08 -42.78
N GLU A 1253 -13.61 -21.11 -43.44
CA GLU A 1253 -13.51 -22.47 -42.93
C GLU A 1253 -12.08 -23.02 -42.96
N GLN A 1254 -11.22 -22.49 -43.84
CA GLN A 1254 -9.86 -23.01 -43.91
C GLN A 1254 -9.07 -22.67 -42.65
N LYS A 1255 -9.44 -21.60 -41.94
CA LYS A 1255 -8.85 -21.34 -40.63
C LYS A 1255 -9.20 -22.45 -39.65
N GLN A 1256 -10.45 -22.92 -39.67
CA GLN A 1256 -10.86 -24.05 -38.83
C GLN A 1256 -10.15 -25.33 -39.25
N LEU A 1257 -9.92 -25.50 -40.54
CA LEU A 1257 -9.32 -26.72 -41.06
C LEU A 1257 -7.80 -26.70 -41.04
N PHE A 1258 -7.20 -25.56 -40.70
CA PHE A 1258 -5.75 -25.40 -40.79
C PHE A 1258 -5.04 -26.27 -39.74
N VAL A 1259 -5.66 -26.45 -38.57
CA VAL A 1259 -4.92 -27.04 -37.45
C VAL A 1259 -4.71 -28.54 -37.64
N GLU A 1260 -5.70 -29.28 -38.16
CA GLU A 1260 -5.57 -30.74 -38.21
C GLU A 1260 -4.56 -31.21 -39.26
N GLN A 1261 -4.36 -30.43 -40.33
CA GLN A 1261 -3.34 -30.80 -41.32
C GLN A 1261 -1.93 -30.42 -40.89
N HIS A 1262 -1.77 -29.73 -39.76
CA HIS A 1262 -0.47 -29.41 -39.18
C HIS A 1262 -0.44 -29.73 -37.69
N LYS A 1263 -1.09 -30.82 -37.30
CA LYS A 1263 -1.10 -31.24 -35.90
C LYS A 1263 0.31 -31.57 -35.42
N HIS A 1264 1.20 -31.99 -36.32
CA HIS A 1264 2.55 -32.41 -35.96
C HIS A 1264 3.42 -31.26 -35.45
N TYR A 1265 3.06 -30.01 -35.75
CA TYR A 1265 3.75 -28.86 -35.15
C TYR A 1265 3.74 -28.92 -33.64
N LEU A 1266 2.64 -29.39 -33.04
CA LEU A 1266 2.58 -29.48 -31.58
C LEU A 1266 3.63 -30.48 -31.08
N ASP A 1267 3.85 -31.55 -31.84
CA ASP A 1267 4.90 -32.48 -31.46
C ASP A 1267 6.26 -31.84 -31.59
N GLU A 1268 6.50 -31.06 -32.65
CA GLU A 1268 7.82 -30.42 -32.74
C GLU A 1268 7.99 -29.34 -31.68
N ILE A 1269 6.90 -28.67 -31.30
CA ILE A 1269 6.94 -27.65 -30.25
C ILE A 1269 7.31 -28.26 -28.92
N ILE A 1270 6.88 -29.51 -28.69
CA ILE A 1270 7.30 -30.26 -27.50
C ILE A 1270 8.82 -30.41 -27.47
N GLU A 1271 9.40 -30.82 -28.59
CA GLU A 1271 10.86 -31.00 -28.66
C GLU A 1271 11.57 -29.67 -28.55
N GLN A 1272 10.98 -28.61 -29.09
CA GLN A 1272 11.57 -27.27 -28.99
C GLN A 1272 11.61 -26.79 -27.55
N ILE A 1273 10.53 -27.03 -26.80
CA ILE A 1273 10.50 -26.66 -25.39
C ILE A 1273 11.54 -27.46 -24.62
N SER A 1274 11.64 -28.76 -24.91
CA SER A 1274 12.62 -29.58 -24.21
C SER A 1274 14.05 -29.16 -24.52
N GLU A 1275 14.34 -28.80 -25.77
CA GLU A 1275 15.68 -28.35 -26.12
C GLU A 1275 15.99 -27.02 -25.44
N PHE A 1276 15.00 -26.12 -25.34
CA PHE A 1276 15.30 -24.83 -24.73
C PHE A 1276 15.40 -24.96 -23.22
N SER A 1277 14.76 -25.97 -22.64
CA SER A 1277 14.84 -26.17 -21.20
C SER A 1277 16.15 -26.86 -20.82
N LYS A 1278 16.64 -27.81 -21.63
CA LYS A 1278 18.05 -28.17 -21.48
C LYS A 1278 19.00 -27.03 -21.83
N ARG A 1279 18.54 -25.99 -22.51
CA ARG A 1279 19.43 -24.87 -22.76
C ARG A 1279 19.59 -23.99 -21.52
N VAL A 1280 18.50 -23.37 -21.07
CA VAL A 1280 18.60 -22.34 -20.03
C VAL A 1280 17.76 -22.62 -18.78
N ILE A 1281 16.74 -23.46 -18.81
CA ILE A 1281 16.02 -23.71 -17.56
C ILE A 1281 16.79 -24.68 -16.70
N LEU A 1282 17.35 -25.72 -17.33
CA LEU A 1282 18.05 -26.84 -16.70
C LEU A 1282 17.22 -27.45 -15.57
N ALA A 1283 15.99 -27.81 -15.91
CA ALA A 1283 15.06 -28.51 -15.03
C ALA A 1283 14.86 -29.89 -15.61
N ASP A 1284 15.22 -30.92 -14.85
CA ASP A 1284 15.19 -32.29 -15.33
C ASP A 1284 13.92 -33.03 -14.92
N ALA A 1285 13.64 -33.10 -13.62
CA ALA A 1285 12.50 -33.89 -13.15
C ALA A 1285 11.18 -33.30 -13.64
N ASN A 1286 11.07 -31.97 -13.66
CA ASN A 1286 9.88 -31.34 -14.20
C ASN A 1286 9.73 -31.61 -15.70
N LEU A 1287 10.85 -31.71 -16.42
CA LEU A 1287 10.78 -32.06 -17.83
C LEU A 1287 10.31 -33.50 -18.02
N ASP A 1288 10.82 -34.43 -17.21
CA ASP A 1288 10.34 -35.81 -17.31
C ASP A 1288 8.85 -35.88 -16.99
N LYS A 1289 8.41 -35.09 -16.02
CA LYS A 1289 6.98 -35.00 -15.69
C LYS A 1289 6.16 -34.48 -16.87
N VAL A 1290 6.60 -33.41 -17.52
CA VAL A 1290 5.78 -32.85 -18.60
C VAL A 1290 5.79 -33.75 -19.84
N LEU A 1291 6.94 -34.38 -20.15
CA LEU A 1291 6.95 -35.38 -21.23
C LEU A 1291 6.02 -36.54 -20.93
N SER A 1292 6.04 -37.07 -19.70
CA SER A 1292 5.14 -38.16 -19.37
C SER A 1292 3.68 -37.74 -19.46
N ALA A 1293 3.36 -36.54 -18.96
CA ALA A 1293 1.98 -36.07 -19.02
C ALA A 1293 1.55 -35.78 -20.45
N TYR A 1294 2.47 -35.34 -21.30
CA TYR A 1294 2.16 -35.18 -22.71
C TYR A 1294 1.93 -36.50 -23.41
N ASN A 1295 2.77 -37.50 -23.15
CA ASN A 1295 2.59 -38.81 -23.74
C ASN A 1295 1.28 -39.46 -23.31
N LYS A 1296 0.84 -39.22 -22.08
CA LYS A 1296 -0.39 -39.87 -21.65
C LYS A 1296 -1.66 -39.15 -22.06
N HIS A 1297 -1.57 -37.95 -22.65
CA HIS A 1297 -2.77 -37.23 -23.07
C HIS A 1297 -2.69 -36.68 -24.49
N ARG A 1298 -1.78 -37.19 -25.32
CA ARG A 1298 -1.53 -36.61 -26.63
C ARG A 1298 -2.64 -36.83 -27.66
N ASP A 1299 -3.65 -37.63 -27.36
CA ASP A 1299 -4.75 -37.88 -28.28
C ASP A 1299 -6.01 -37.09 -27.95
N LYS A 1300 -5.93 -36.11 -27.04
CA LYS A 1300 -7.04 -35.27 -26.68
C LYS A 1300 -7.42 -34.34 -27.84
N PRO A 1301 -8.65 -33.78 -27.85
CA PRO A 1301 -9.03 -32.85 -28.92
C PRO A 1301 -8.17 -31.60 -28.94
N ILE A 1302 -7.99 -31.04 -30.14
CA ILE A 1302 -6.88 -30.15 -30.46
C ILE A 1302 -6.96 -28.83 -29.68
N ARG A 1303 -8.18 -28.32 -29.43
CA ARG A 1303 -8.34 -27.02 -28.76
C ARG A 1303 -7.75 -27.03 -27.35
N GLU A 1304 -8.15 -28.00 -26.54
CA GLU A 1304 -7.66 -28.06 -25.16
C GLU A 1304 -6.17 -28.41 -25.12
N GLN A 1305 -5.71 -29.25 -26.03
CA GLN A 1305 -4.28 -29.53 -26.13
C GLN A 1305 -3.48 -28.27 -26.38
N ALA A 1306 -3.92 -27.46 -27.35
CA ALA A 1306 -3.20 -26.22 -27.66
C ALA A 1306 -3.31 -25.19 -26.54
N GLU A 1307 -4.47 -25.12 -25.88
CA GLU A 1307 -4.63 -24.19 -24.76
C GLU A 1307 -3.69 -24.53 -23.62
N ASN A 1308 -3.51 -25.81 -23.35
CA ASN A 1308 -2.60 -26.19 -22.29
C ASN A 1308 -1.15 -26.18 -22.73
N ILE A 1309 -0.87 -26.29 -24.03
CA ILE A 1309 0.46 -25.97 -24.53
C ILE A 1309 0.78 -24.50 -24.29
N ILE A 1310 -0.20 -23.63 -24.50
CA ILE A 1310 -0.07 -22.23 -24.12
C ILE A 1310 0.17 -22.09 -22.62
N HIS A 1311 -0.54 -22.87 -21.81
CA HIS A 1311 -0.29 -22.90 -20.37
C HIS A 1311 1.12 -23.37 -20.04
N LEU A 1312 1.72 -24.22 -20.88
CA LEU A 1312 3.02 -24.81 -20.60
C LEU A 1312 4.15 -23.82 -20.61
N PHE A 1313 3.96 -22.64 -21.20
CA PHE A 1313 5.04 -21.67 -21.34
C PHE A 1313 5.39 -20.95 -20.06
N THR A 1314 4.62 -21.17 -18.98
CA THR A 1314 5.01 -20.66 -17.66
C THR A 1314 6.34 -21.26 -17.22
N LEU A 1315 6.64 -22.48 -17.68
CA LEU A 1315 7.96 -23.06 -17.47
C LEU A 1315 9.06 -22.21 -18.09
N THR A 1316 8.76 -21.51 -19.19
CA THR A 1316 9.77 -20.86 -20.00
C THR A 1316 9.75 -19.34 -19.92
N ARG A 1317 8.64 -18.74 -19.50
CA ARG A 1317 8.46 -17.29 -19.58
C ARG A 1317 9.42 -16.54 -18.65
N LEU A 1318 9.77 -15.33 -19.07
CA LEU A 1318 10.64 -14.43 -18.31
C LEU A 1318 10.05 -14.12 -16.94
N GLY A 1319 10.92 -14.04 -15.93
CA GLY A 1319 10.45 -13.72 -14.60
C GLY A 1319 10.60 -14.82 -13.57
N ALA A 1320 9.64 -14.94 -12.69
CA ALA A 1320 9.76 -15.90 -11.61
C ALA A 1320 9.03 -17.18 -11.96
N PRO A 1321 9.54 -18.34 -11.53
CA PRO A 1321 8.84 -19.59 -11.80
C PRO A 1321 7.53 -19.69 -11.02
N ARG A 1322 6.51 -20.26 -11.67
CA ARG A 1322 5.18 -20.38 -11.09
C ARG A 1322 4.57 -21.73 -11.43
N ALA A 1323 3.62 -22.15 -10.59
CA ALA A 1323 2.86 -23.37 -10.82
C ALA A 1323 1.86 -23.18 -11.95
N PHE A 1324 1.62 -24.25 -12.71
CA PHE A 1324 0.70 -24.20 -13.83
C PHE A 1324 0.07 -25.57 -14.01
N LYS A 1325 -1.18 -25.60 -14.47
CA LYS A 1325 -2.02 -26.79 -14.38
C LYS A 1325 -1.83 -27.76 -15.53
N TYR A 1326 -1.37 -27.30 -16.68
CA TYR A 1326 -1.37 -28.04 -17.95
C TYR A 1326 -2.76 -28.67 -18.15
N PHE A 1327 -2.86 -30.00 -18.22
CA PHE A 1327 -4.16 -30.69 -18.27
C PHE A 1327 -4.78 -30.90 -16.89
N ASP A 1328 -4.17 -31.77 -16.07
CA ASP A 1328 -4.79 -32.12 -14.80
C ASP A 1328 -3.81 -32.24 -13.64
N THR A 1329 -2.59 -31.71 -13.76
CA THR A 1329 -1.64 -31.87 -12.67
C THR A 1329 -0.80 -30.62 -12.51
N THR A 1330 -0.60 -30.24 -11.25
CA THR A 1330 0.13 -29.03 -10.91
C THR A 1330 1.61 -29.33 -11.10
N ILE A 1331 2.22 -28.70 -12.09
CA ILE A 1331 3.67 -28.76 -12.27
C ILE A 1331 4.28 -27.75 -11.31
N ASP A 1332 4.84 -28.23 -10.21
CA ASP A 1332 5.28 -27.32 -9.16
C ASP A 1332 6.55 -26.62 -9.61
N PRO A 1333 6.68 -25.32 -9.35
CA PRO A 1333 7.83 -24.56 -9.82
C PRO A 1333 9.08 -24.92 -9.03
N LYS A 1334 10.19 -24.34 -9.44
CA LYS A 1334 11.46 -24.54 -8.76
C LYS A 1334 12.02 -23.16 -8.49
N GLN A 1335 12.79 -23.04 -7.42
CA GLN A 1335 13.29 -21.74 -6.98
C GLN A 1335 14.81 -21.75 -7.03
N TYR A 1336 15.38 -20.78 -7.74
CA TYR A 1336 16.82 -20.68 -7.90
C TYR A 1336 17.45 -19.97 -6.69
N ARG A 1337 17.50 -20.68 -5.57
CA ARG A 1337 18.20 -20.17 -4.38
C ARG A 1337 19.65 -20.65 -4.49
N SER A 1338 20.36 -20.10 -5.46
CA SER A 1338 21.79 -20.38 -5.60
C SER A 1338 22.43 -19.21 -6.34
N THR A 1339 22.99 -18.27 -5.60
CA THR A 1339 23.67 -17.15 -6.22
C THR A 1339 25.16 -17.39 -6.42
N LYS A 1340 25.66 -18.60 -6.11
CA LYS A 1340 27.07 -18.86 -6.34
C LYS A 1340 27.41 -18.89 -7.82
N GLU A 1341 26.46 -19.29 -8.66
CA GLU A 1341 26.74 -19.48 -10.08
C GLU A 1341 26.94 -18.16 -10.81
N VAL A 1342 26.55 -17.03 -10.22
CA VAL A 1342 26.69 -15.74 -10.87
C VAL A 1342 27.90 -14.96 -10.39
N LEU A 1343 28.62 -15.45 -9.39
CA LEU A 1343 29.79 -14.73 -8.90
C LEU A 1343 30.98 -14.87 -9.84
N ASP A 1344 30.90 -15.77 -10.83
CA ASP A 1344 31.88 -15.86 -11.91
C ASP A 1344 31.27 -15.62 -13.28
N ALA A 1345 30.02 -15.18 -13.35
CA ALA A 1345 29.33 -14.98 -14.61
C ALA A 1345 29.64 -13.59 -15.16
N THR A 1346 28.92 -13.17 -16.19
CA THR A 1346 29.14 -11.88 -16.83
C THR A 1346 28.00 -10.94 -16.45
N LEU A 1347 28.30 -9.94 -15.62
CA LEU A 1347 27.30 -8.95 -15.29
C LEU A 1347 27.07 -8.02 -16.46
N ILE A 1348 25.81 -7.72 -16.74
CA ILE A 1348 25.41 -6.93 -17.89
C ILE A 1348 24.79 -5.64 -17.37
N HIS A 1349 25.33 -4.50 -17.77
CA HIS A 1349 24.66 -3.22 -17.57
C HIS A 1349 24.06 -2.80 -18.90
N GLN A 1350 22.75 -2.59 -18.92
CA GLN A 1350 22.03 -2.32 -20.15
C GLN A 1350 21.46 -0.92 -20.10
N SER A 1351 21.63 -0.18 -21.19
CA SER A 1351 21.03 1.14 -21.30
C SER A 1351 19.50 1.03 -21.31
N ILE A 1352 18.86 2.20 -21.30
CA ILE A 1352 17.41 2.28 -21.18
C ILE A 1352 16.74 1.62 -22.39
N THR A 1353 17.27 1.88 -23.59
CA THR A 1353 16.85 1.09 -24.76
C THR A 1353 17.43 -0.31 -24.75
N GLY A 1354 18.52 -0.55 -24.03
CA GLY A 1354 19.21 -1.81 -24.08
C GLY A 1354 20.20 -1.93 -25.21
N LEU A 1355 20.33 -0.89 -26.04
CA LEU A 1355 21.26 -0.91 -27.15
C LEU A 1355 22.71 -0.85 -26.65
N TYR A 1356 23.03 0.17 -25.88
CA TYR A 1356 24.36 0.28 -25.29
C TYR A 1356 24.47 -0.66 -24.11
N GLU A 1357 25.60 -1.35 -24.03
CA GLU A 1357 25.84 -2.34 -22.98
C GLU A 1357 27.22 -2.16 -22.38
N THR A 1358 27.35 -2.65 -21.15
CA THR A 1358 28.64 -2.76 -20.49
C THR A 1358 28.71 -4.14 -19.86
N ARG A 1359 29.79 -4.87 -20.13
CA ARG A 1359 29.92 -6.28 -19.78
C ARG A 1359 31.02 -6.40 -18.75
N ILE A 1360 30.66 -6.74 -17.52
CA ILE A 1360 31.64 -6.91 -16.45
C ILE A 1360 31.79 -8.40 -16.18
N ASP A 1361 32.92 -8.97 -16.55
CA ASP A 1361 33.22 -10.36 -16.22
C ASP A 1361 33.67 -10.40 -14.77
N LEU A 1362 32.83 -10.97 -13.91
CA LEU A 1362 33.12 -11.03 -12.48
C LEU A 1362 34.26 -11.96 -12.12
N SER A 1363 34.57 -12.94 -12.96
CA SER A 1363 35.65 -13.88 -12.63
C SER A 1363 37.03 -13.22 -12.65
N GLN A 1364 37.19 -12.10 -13.34
CA GLN A 1364 38.45 -11.36 -13.34
C GLN A 1364 38.59 -10.42 -12.17
N LEU A 1365 37.63 -10.42 -11.23
CA LEU A 1365 37.69 -9.55 -10.06
C LEU A 1365 37.97 -10.40 -8.83
N GLY A 1366 38.96 -9.99 -8.04
CA GLY A 1366 39.29 -10.69 -6.83
C GLY A 1366 39.98 -12.02 -7.12
#